data_5L10
#
_entry.id   5L10
#
_cell.length_a   120.276
_cell.length_b   74.594
_cell.length_c   118.027
_cell.angle_alpha   90.00
_cell.angle_beta   117.29
_cell.angle_gamma   90.00
#
_symmetry.space_group_name_H-M   'P 1 21 1'
#
loop_
_entity.id
_entity.type
_entity.pdbx_description
1 polymer 'N-acylhomoserine lactone dependent regulatory protein'
2 non-polymer GLYCEROL
3 non-polymer 'FORMIC ACID'
4 non-polymer 1,2-ETHANEDIOL
5 water water
#
_entity_poly.entity_id   1
_entity_poly.type   'polypeptide(L)'
_entity_poly.pdbx_seq_one_letter_code
;SNA(MSE)DLTILHDCFDALQRAPTAEAAFPPIAAAAAALGFRYCVYGLRRTLPLARPD(MSE)QIVGNHPREWEHRYVK
FGYVTIDPIIKRVASQPRPVVWNAFDEPGDTAFWHDAACFG(MSE)RYGWSHGGYDRAGNLGVLTLVRDTTPLDADEISR
LRAPCASLSHAAHAYL(MSE)PRLADPIA
;
_entity_poly.pdbx_strand_id   A,B,C,D,E,F
#
# COMPACT_ATOMS: atom_id res chain seq x y z
N ASN A 2 21.91 -15.94 -25.75
CA ASN A 2 21.50 -14.57 -26.06
C ASN A 2 21.27 -14.40 -27.56
N ALA A 3 21.94 -15.21 -28.37
CA ALA A 3 21.65 -15.26 -29.81
C ALA A 3 20.19 -15.64 -30.07
N ASP A 5 17.74 -14.31 -28.65
CA ASP A 5 16.98 -13.07 -28.64
C ASP A 5 16.73 -12.56 -30.05
N LEU A 6 17.73 -12.69 -30.95
CA LEU A 6 17.54 -12.24 -32.32
C LEU A 6 16.57 -13.14 -33.08
N THR A 7 16.55 -14.43 -32.75
CA THR A 7 15.52 -15.31 -33.33
C THR A 7 14.14 -14.90 -32.85
N ILE A 8 14.02 -14.49 -31.58
CA ILE A 8 12.74 -14.04 -31.05
C ILE A 8 12.17 -12.92 -31.91
N LEU A 9 13.02 -11.94 -32.25
CA LEU A 9 12.55 -10.80 -33.03
C LEU A 9 12.34 -11.18 -34.49
N HIS A 10 13.15 -12.10 -35.02
CA HIS A 10 12.94 -12.55 -36.39
C HIS A 10 11.55 -13.17 -36.55
N ASP A 11 11.16 -14.05 -35.62
CA ASP A 11 9.84 -14.67 -35.73
C ASP A 11 8.73 -13.65 -35.53
N CYS A 12 8.96 -12.63 -34.70
CA CYS A 12 7.97 -11.60 -34.48
C CYS A 12 7.70 -10.80 -35.75
N PHE A 13 8.77 -10.37 -36.42
CA PHE A 13 8.59 -9.49 -37.58
C PHE A 13 8.01 -10.24 -38.77
N ASP A 14 8.30 -11.53 -38.90
CA ASP A 14 7.67 -12.29 -39.97
C ASP A 14 6.17 -12.44 -39.71
N ALA A 15 5.78 -12.66 -38.44
CA ALA A 15 4.37 -12.72 -38.12
C ALA A 15 3.69 -11.38 -38.36
N LEU A 16 4.41 -10.27 -38.17
CA LEU A 16 3.83 -8.96 -38.37
C LEU A 16 3.62 -8.63 -39.84
N GLN A 17 4.27 -9.38 -40.74
CA GLN A 17 4.02 -9.22 -42.17
C GLN A 17 2.72 -9.88 -42.62
N ARG A 18 2.14 -10.76 -41.80
CA ARG A 18 0.87 -11.41 -42.12
C ARG A 18 -0.19 -11.05 -41.08
N ALA A 19 -0.12 -9.83 -40.56
CA ALA A 19 -1.04 -9.34 -39.54
C ALA A 19 -1.67 -8.05 -40.05
N PRO A 20 -2.80 -8.13 -40.75
CA PRO A 20 -3.43 -6.93 -41.29
C PRO A 20 -4.33 -6.20 -40.31
N THR A 21 -4.43 -6.66 -39.07
CA THR A 21 -5.30 -6.06 -38.07
C THR A 21 -4.54 -5.92 -36.75
N ALA A 22 -5.06 -5.07 -35.86
CA ALA A 22 -4.46 -4.93 -34.54
C ALA A 22 -4.66 -6.19 -33.70
N GLU A 23 -5.73 -6.95 -33.99
CA GLU A 23 -5.98 -8.20 -33.30
C GLU A 23 -4.95 -9.26 -33.65
N ALA A 24 -4.46 -9.25 -34.90
CA ALA A 24 -3.43 -10.18 -35.32
C ALA A 24 -2.03 -9.66 -35.08
N ALA A 25 -1.86 -8.36 -34.89
CA ALA A 25 -0.54 -7.78 -34.71
C ALA A 25 -0.08 -7.79 -33.26
N PHE A 26 -0.99 -7.83 -32.29
CA PHE A 26 -0.56 -7.78 -30.90
C PHE A 26 0.08 -9.08 -30.43
N PRO A 27 -0.51 -10.26 -30.66
CA PRO A 27 0.09 -11.51 -30.12
C PRO A 27 1.56 -11.69 -30.50
N PRO A 28 1.98 -11.37 -31.72
CA PRO A 28 3.43 -11.46 -32.00
C PRO A 28 4.28 -10.58 -31.09
N ILE A 29 3.85 -9.34 -30.86
CA ILE A 29 4.64 -8.43 -30.02
C ILE A 29 4.62 -8.89 -28.58
N ALA A 30 3.46 -9.38 -28.10
CA ALA A 30 3.38 -9.87 -26.72
C ALA A 30 4.18 -11.14 -26.54
N ALA A 31 4.17 -12.03 -27.54
CA ALA A 31 4.96 -13.26 -27.45
C ALA A 31 6.45 -12.95 -27.43
N ALA A 32 6.89 -11.97 -28.20
CA ALA A 32 8.30 -11.59 -28.18
C ALA A 32 8.69 -10.97 -26.85
N ALA A 33 7.86 -10.06 -26.32
CA ALA A 33 8.14 -9.46 -25.03
C ALA A 33 8.20 -10.52 -23.93
N ALA A 34 7.29 -11.49 -23.96
CA ALA A 34 7.33 -12.57 -22.99
C ALA A 34 8.63 -13.35 -23.09
N ALA A 35 9.08 -13.64 -24.31
CA ALA A 35 10.33 -14.36 -24.48
C ALA A 35 11.52 -13.56 -23.97
N LEU A 36 11.42 -12.25 -23.96
CA LEU A 36 12.47 -11.38 -23.41
C LEU A 36 12.38 -11.24 -21.90
N GLY A 37 11.40 -11.86 -21.26
CA GLY A 37 11.28 -11.81 -19.81
C GLY A 37 10.19 -10.90 -19.28
N PHE A 38 9.42 -10.24 -20.15
CA PHE A 38 8.38 -9.33 -19.71
C PHE A 38 7.05 -10.08 -19.69
N ARG A 39 6.52 -10.30 -18.48
CA ARG A 39 5.25 -11.02 -18.36
C ARG A 39 4.10 -10.26 -19.00
N TYR A 40 4.13 -8.93 -18.91
CA TYR A 40 3.02 -8.09 -19.36
C TYR A 40 3.46 -7.17 -20.49
N CYS A 41 2.58 -7.03 -21.48
CA CYS A 41 2.83 -6.20 -22.65
C CYS A 41 1.58 -5.39 -22.93
N VAL A 42 1.67 -4.08 -22.84
CA VAL A 42 0.52 -3.19 -22.93
C VAL A 42 0.83 -2.12 -23.97
N TYR A 43 -0.16 -1.78 -24.80
CA TYR A 43 -0.03 -0.69 -25.75
C TYR A 43 -1.18 0.29 -25.57
N GLY A 44 -0.87 1.58 -25.54
CA GLY A 44 -1.89 2.59 -25.40
C GLY A 44 -1.82 3.64 -26.50
N LEU A 45 -2.96 3.91 -27.13
CA LEU A 45 -3.07 4.94 -28.16
C LEU A 45 -3.85 6.11 -27.60
N ARG A 46 -3.16 7.24 -27.41
N ARG A 46 -3.17 7.25 -27.44
CA ARG A 46 -3.79 8.46 -26.92
CA ARG A 46 -3.76 8.48 -26.92
C ARG A 46 -3.90 9.45 -28.07
C ARG A 46 -3.90 9.46 -28.08
N ARG A 47 -5.13 9.84 -28.38
CA ARG A 47 -5.43 10.63 -29.58
C ARG A 47 -5.45 12.12 -29.28
N THR A 48 -5.08 12.90 -30.30
CA THR A 48 -4.93 14.34 -30.14
C THR A 48 -6.25 15.08 -30.34
N LEU A 49 -7.18 14.50 -31.09
CA LEU A 49 -8.43 15.17 -31.46
C LEU A 49 -9.46 15.31 -30.35
N PRO A 50 -9.56 14.38 -29.38
CA PRO A 50 -10.53 14.58 -28.28
C PRO A 50 -10.36 15.90 -27.52
N LEU A 51 -9.18 16.53 -27.59
CA LEU A 51 -8.85 17.82 -26.97
C LEU A 51 -9.51 18.11 -25.62
N ALA A 52 -10.84 18.08 -25.59
CA ALA A 52 -11.57 18.35 -24.34
C ALA A 52 -11.23 17.32 -23.28
N ARG A 53 -11.10 16.05 -23.66
CA ARG A 53 -10.74 14.99 -22.74
C ARG A 53 -9.89 13.94 -23.45
N PRO A 54 -8.60 13.83 -23.10
CA PRO A 54 -7.75 12.83 -23.77
C PRO A 54 -8.28 11.42 -23.57
N ASP A 55 -8.43 10.70 -24.69
CA ASP A 55 -8.95 9.34 -24.69
C ASP A 55 -7.80 8.36 -24.87
N GLN A 57 -6.91 4.52 -25.58
CA GLN A 57 -7.25 3.17 -26.01
C GLN A 57 -6.13 2.23 -25.57
N ILE A 58 -6.50 1.16 -24.86
CA ILE A 58 -5.52 0.28 -24.22
C ILE A 58 -5.77 -1.15 -24.69
N VAL A 59 -4.73 -1.78 -25.25
CA VAL A 59 -4.72 -3.21 -25.50
C VAL A 59 -3.52 -3.80 -24.78
N GLY A 60 -3.66 -5.04 -24.32
CA GLY A 60 -2.56 -5.70 -23.64
C GLY A 60 -3.03 -6.94 -22.91
N ASN A 61 -2.04 -7.68 -22.40
CA ASN A 61 -2.28 -8.83 -21.55
C ASN A 61 -2.11 -8.50 -20.07
N HIS A 62 -2.25 -7.23 -19.70
CA HIS A 62 -2.18 -6.79 -18.32
C HIS A 62 -3.36 -7.35 -17.53
N PRO A 63 -3.30 -7.30 -16.19
CA PRO A 63 -4.46 -7.71 -15.39
C PRO A 63 -5.66 -6.82 -15.68
N ARG A 64 -6.81 -7.45 -15.83
CA ARG A 64 -8.03 -6.71 -16.13
C ARG A 64 -8.38 -5.75 -14.99
N GLU A 65 -8.16 -6.18 -13.75
CA GLU A 65 -8.51 -5.32 -12.61
C GLU A 65 -7.62 -4.08 -12.56
N TRP A 66 -6.39 -4.16 -13.08
CA TRP A 66 -5.55 -2.97 -13.13
C TRP A 66 -6.12 -1.93 -14.09
N GLU A 67 -6.51 -2.36 -15.29
CA GLU A 67 -7.13 -1.44 -16.23
C GLU A 67 -8.45 -0.89 -15.67
N HIS A 68 -9.23 -1.75 -15.01
CA HIS A 68 -10.50 -1.30 -14.44
C HIS A 68 -10.28 -0.18 -13.45
N ARG A 69 -9.24 -0.28 -12.61
CA ARG A 69 -8.94 0.80 -11.67
C ARG A 69 -8.25 1.96 -12.37
N TYR A 70 -7.47 1.68 -13.42
CA TYR A 70 -6.92 2.74 -14.25
C TYR A 70 -8.03 3.61 -14.85
N VAL A 71 -9.19 3.02 -15.11
CA VAL A 71 -10.29 3.76 -15.72
C VAL A 71 -11.13 4.48 -14.66
N LYS A 72 -11.58 3.77 -13.64
CA LYS A 72 -12.48 4.35 -12.66
C LYS A 72 -11.81 5.42 -11.80
N PHE A 73 -10.49 5.38 -11.67
CA PHE A 73 -9.76 6.41 -10.93
C PHE A 73 -9.22 7.51 -11.83
N GLY A 74 -9.48 7.45 -13.13
CA GLY A 74 -9.09 8.53 -14.03
C GLY A 74 -7.60 8.71 -14.17
N TYR A 75 -6.85 7.61 -14.26
CA TYR A 75 -5.39 7.70 -14.27
C TYR A 75 -4.84 8.25 -15.58
N VAL A 76 -5.63 8.27 -16.65
CA VAL A 76 -5.14 8.83 -17.91
C VAL A 76 -4.84 10.32 -17.74
N THR A 77 -5.53 10.98 -16.81
CA THR A 77 -5.30 12.41 -16.60
C THR A 77 -3.91 12.68 -16.04
N ILE A 78 -3.40 11.78 -15.22
CA ILE A 78 -2.20 12.06 -14.43
C ILE A 78 -1.16 10.94 -14.58
N ASP A 79 -1.27 10.15 -15.65
CA ASP A 79 -0.38 9.01 -15.84
C ASP A 79 1.08 9.47 -15.89
N PRO A 80 1.88 9.11 -14.88
CA PRO A 80 3.27 9.59 -14.84
C PRO A 80 4.12 9.03 -15.97
N ILE A 81 3.86 7.80 -16.40
CA ILE A 81 4.62 7.22 -17.51
C ILE A 81 4.35 7.99 -18.79
N ILE A 82 3.07 8.31 -19.04
CA ILE A 82 2.72 9.03 -20.27
C ILE A 82 3.40 10.39 -20.29
N LYS A 83 3.37 11.10 -19.15
CA LYS A 83 4.00 12.41 -19.09
C LYS A 83 5.50 12.34 -19.37
N ARG A 84 6.13 11.22 -19.01
CA ARG A 84 7.57 11.08 -19.20
C ARG A 84 7.93 10.64 -20.62
N VAL A 85 7.15 9.75 -21.23
CA VAL A 85 7.45 9.33 -22.59
C VAL A 85 6.97 10.33 -23.63
N ALA A 86 5.99 11.17 -23.30
CA ALA A 86 5.49 12.13 -24.27
C ALA A 86 6.45 13.30 -24.45
N SER A 87 7.28 13.58 -23.46
CA SER A 87 8.13 14.77 -23.51
C SER A 87 9.49 14.50 -24.12
N GLN A 88 9.95 13.26 -24.08
CA GLN A 88 11.29 12.88 -24.50
C GLN A 88 11.23 11.69 -25.45
N PRO A 89 12.21 11.55 -26.34
CA PRO A 89 12.20 10.44 -27.30
C PRO A 89 12.75 9.12 -26.79
N ARG A 90 13.46 9.10 -25.66
CA ARG A 90 14.12 7.88 -25.22
C ARG A 90 13.19 7.02 -24.38
N PRO A 91 13.50 5.72 -24.25
CA PRO A 91 12.66 4.85 -23.42
C PRO A 91 12.77 5.20 -21.94
N VAL A 92 11.71 4.88 -21.20
CA VAL A 92 11.60 5.16 -19.77
C VAL A 92 11.56 3.84 -19.03
N VAL A 93 12.54 3.62 -18.15
CA VAL A 93 12.55 2.48 -17.24
C VAL A 93 12.04 2.95 -15.89
N TRP A 94 11.08 2.24 -15.33
CA TRP A 94 10.46 2.67 -14.08
C TRP A 94 10.24 1.48 -13.15
N ASN A 95 10.10 1.81 -11.85
CA ASN A 95 9.89 0.84 -10.78
C ASN A 95 8.79 1.38 -9.88
N ALA A 96 7.68 0.64 -9.80
CA ALA A 96 6.52 1.12 -9.06
C ALA A 96 6.83 1.39 -7.59
N PHE A 97 7.79 0.66 -7.02
CA PHE A 97 8.14 0.89 -5.62
C PHE A 97 9.07 2.08 -5.43
N ASP A 98 9.65 2.62 -6.50
CA ASP A 98 10.73 3.59 -6.41
C ASP A 98 10.43 4.91 -7.10
N GLU A 99 9.18 5.18 -7.42
CA GLU A 99 8.96 6.43 -8.15
C GLU A 99 8.41 7.50 -7.22
N PRO A 100 8.82 8.76 -7.44
CA PRO A 100 8.37 9.87 -6.59
C PRO A 100 7.03 10.44 -7.04
N GLY A 101 6.19 10.78 -6.05
CA GLY A 101 4.88 11.34 -6.33
C GLY A 101 3.93 10.31 -6.91
N ASP A 102 2.77 10.81 -7.33
CA ASP A 102 1.71 9.99 -7.92
C ASP A 102 1.46 8.73 -7.10
N THR A 103 1.34 8.92 -5.78
CA THR A 103 1.32 7.81 -4.86
C THR A 103 0.18 6.84 -5.17
N ALA A 104 -1.01 7.36 -5.49
CA ALA A 104 -2.14 6.49 -5.78
C ALA A 104 -1.91 5.66 -7.04
N PHE A 105 -1.26 6.25 -8.05
CA PHE A 105 -1.04 5.54 -9.30
C PHE A 105 -0.13 4.34 -9.10
N TRP A 106 1.07 4.57 -8.55
CA TRP A 106 2.02 3.50 -8.36
C TRP A 106 1.53 2.47 -7.33
N HIS A 107 0.71 2.90 -6.37
CA HIS A 107 0.15 1.97 -5.40
C HIS A 107 -0.65 0.87 -6.10
N ASP A 108 -1.56 1.27 -6.98
CA ASP A 108 -2.37 0.28 -7.70
C ASP A 108 -1.53 -0.53 -8.67
N ALA A 109 -0.55 0.11 -9.32
CA ALA A 109 0.33 -0.62 -10.23
C ALA A 109 1.09 -1.73 -9.50
N ALA A 110 1.72 -1.38 -8.37
CA ALA A 110 2.46 -2.38 -7.61
C ALA A 110 1.56 -3.50 -7.10
N CYS A 111 0.30 -3.19 -6.80
CA CYS A 111 -0.61 -4.20 -6.26
C CYS A 111 -1.01 -5.24 -7.30
N PHE A 112 -0.79 -4.98 -8.59
CA PHE A 112 -1.27 -5.88 -9.63
C PHE A 112 -0.16 -6.32 -10.57
N GLY A 113 1.09 -6.27 -10.10
CA GLY A 113 2.21 -6.77 -10.88
C GLY A 113 2.82 -5.77 -11.85
N ARG A 115 5.04 -3.62 -11.97
CA ARG A 115 6.06 -3.20 -11.03
C ARG A 115 7.33 -2.67 -11.70
N TYR A 116 7.91 -3.40 -12.64
CA TYR A 116 9.19 -3.02 -13.23
C TYR A 116 9.01 -2.94 -14.75
N GLY A 117 8.96 -1.73 -15.26
CA GLY A 117 8.47 -1.48 -16.61
C GLY A 117 9.49 -0.81 -17.51
N TRP A 118 9.30 -1.04 -18.81
CA TRP A 118 10.06 -0.38 -19.88
C TRP A 118 9.01 0.22 -20.81
N SER A 119 8.99 1.55 -20.93
CA SER A 119 7.97 2.22 -21.73
C SER A 119 8.61 3.14 -22.76
N HIS A 120 8.07 3.11 -23.97
CA HIS A 120 8.53 4.01 -25.04
C HIS A 120 7.35 4.56 -25.83
N GLY A 121 7.39 5.85 -26.10
CA GLY A 121 6.31 6.55 -26.80
C GLY A 121 6.68 6.93 -28.22
N GLY A 122 5.68 6.90 -29.10
CA GLY A 122 5.89 7.22 -30.50
C GLY A 122 4.72 8.02 -31.06
N TYR A 123 5.02 8.86 -32.04
CA TYR A 123 4.05 9.74 -32.66
C TYR A 123 3.82 9.33 -34.11
N ASP A 124 2.61 9.59 -34.60
CA ASP A 124 2.24 9.30 -35.97
C ASP A 124 1.95 10.60 -36.72
N ARG A 125 1.66 10.47 -38.01
CA ARG A 125 1.45 11.63 -38.86
C ARG A 125 0.38 12.56 -38.31
N ALA A 126 -0.65 12.01 -37.68
CA ALA A 126 -1.77 12.81 -37.19
C ALA A 126 -1.50 13.45 -35.84
N GLY A 127 -0.40 13.12 -35.18
CA GLY A 127 -0.09 13.67 -33.88
C GLY A 127 -0.47 12.78 -32.71
N ASN A 128 -1.02 11.60 -32.96
CA ASN A 128 -1.38 10.71 -31.86
C ASN A 128 -0.14 10.17 -31.18
N LEU A 129 -0.29 9.81 -29.91
CA LEU A 129 0.78 9.24 -29.11
C LEU A 129 0.47 7.77 -28.86
N GLY A 130 1.40 6.90 -29.22
CA GLY A 130 1.31 5.48 -28.92
C GLY A 130 2.44 5.08 -27.99
N VAL A 131 2.08 4.36 -26.93
CA VAL A 131 3.02 4.00 -25.87
C VAL A 131 3.05 2.49 -25.75
N LEU A 132 4.22 1.90 -25.99
CA LEU A 132 4.45 0.49 -25.71
C LEU A 132 5.07 0.36 -24.33
N THR A 133 4.49 -0.50 -23.50
CA THR A 133 4.94 -0.69 -22.13
C THR A 133 5.18 -2.17 -21.89
N LEU A 134 6.41 -2.50 -21.49
CA LEU A 134 6.80 -3.88 -21.19
C LEU A 134 7.07 -3.97 -19.70
N VAL A 135 6.33 -4.83 -19.00
CA VAL A 135 6.40 -4.91 -17.54
C VAL A 135 6.69 -6.33 -17.12
N ARG A 136 7.59 -6.49 -16.14
CA ARG A 136 7.79 -7.73 -15.43
C ARG A 136 7.40 -7.56 -13.98
N ASP A 137 6.94 -8.65 -13.36
CA ASP A 137 6.42 -8.61 -12.00
C ASP A 137 7.37 -9.20 -10.97
N THR A 138 8.54 -9.68 -11.38
CA THR A 138 9.41 -10.46 -10.50
C THR A 138 10.59 -9.66 -9.98
N THR A 139 11.43 -9.15 -10.89
CA THR A 139 12.69 -8.50 -10.55
C THR A 139 12.89 -7.29 -11.46
N PRO A 140 13.34 -6.16 -10.90
CA PRO A 140 13.78 -5.06 -11.75
C PRO A 140 15.08 -5.42 -12.46
N LEU A 141 15.23 -4.89 -13.68
CA LEU A 141 16.43 -5.18 -14.46
C LEU A 141 17.63 -4.42 -13.92
N ASP A 142 18.74 -5.12 -13.72
CA ASP A 142 20.00 -4.44 -13.45
C ASP A 142 20.51 -3.79 -14.73
N ALA A 143 21.40 -2.80 -14.55
CA ALA A 143 21.90 -2.04 -15.68
C ALA A 143 22.54 -2.94 -16.75
N ASP A 144 23.18 -4.03 -16.33
CA ASP A 144 23.80 -4.94 -17.28
C ASP A 144 22.77 -5.66 -18.15
N GLU A 145 21.59 -5.96 -17.58
CA GLU A 145 20.51 -6.54 -18.37
C GLU A 145 19.85 -5.49 -19.25
N ILE A 146 19.76 -4.25 -18.76
CA ILE A 146 19.22 -3.17 -19.56
C ILE A 146 20.08 -2.94 -20.80
N SER A 147 21.40 -2.93 -20.61
CA SER A 147 22.32 -2.71 -21.73
C SER A 147 22.09 -3.73 -22.84
N ARG A 148 21.93 -5.00 -22.49
CA ARG A 148 21.76 -6.04 -23.49
C ARG A 148 20.36 -6.06 -24.09
N LEU A 149 19.37 -5.47 -23.42
CA LEU A 149 17.99 -5.47 -23.89
C LEU A 149 17.62 -4.21 -24.66
N ARG A 150 18.52 -3.22 -24.78
CA ARG A 150 18.17 -1.99 -25.46
C ARG A 150 17.81 -2.25 -26.92
N ALA A 151 18.70 -2.91 -27.66
CA ALA A 151 18.43 -3.19 -29.07
C ALA A 151 17.18 -4.05 -29.27
N PRO A 152 16.97 -5.16 -28.54
CA PRO A 152 15.71 -5.91 -28.74
C PRO A 152 14.47 -5.12 -28.39
N CYS A 153 14.48 -4.38 -27.28
CA CYS A 153 13.31 -3.58 -26.92
C CYS A 153 13.07 -2.49 -27.94
N ALA A 154 14.13 -1.88 -28.46
CA ALA A 154 14.00 -0.91 -29.54
C ALA A 154 13.30 -1.54 -30.74
N SER A 155 13.72 -2.76 -31.11
CA SER A 155 13.08 -3.49 -32.20
C SER A 155 11.58 -3.61 -31.95
N LEU A 156 11.20 -4.12 -30.78
CA LEU A 156 9.77 -4.28 -30.45
C LEU A 156 9.05 -2.95 -30.46
N SER A 157 9.72 -1.89 -30.01
CA SER A 157 9.09 -0.58 -29.94
C SER A 157 8.79 -0.05 -31.34
N HIS A 158 9.74 -0.18 -32.27
CA HIS A 158 9.48 0.17 -33.65
C HIS A 158 8.35 -0.68 -34.22
N ALA A 159 8.31 -1.95 -33.87
CA ALA A 159 7.28 -2.85 -34.40
C ALA A 159 5.89 -2.45 -33.92
N ALA A 160 5.77 -2.06 -32.65
CA ALA A 160 4.47 -1.66 -32.12
C ALA A 160 3.98 -0.40 -32.80
N HIS A 161 4.88 0.58 -32.99
CA HIS A 161 4.47 1.84 -33.58
C HIS A 161 4.21 1.71 -35.07
N ALA A 162 4.87 0.77 -35.74
CA ALA A 162 4.72 0.63 -37.18
C ALA A 162 3.64 -0.36 -37.58
N TYR A 163 3.37 -1.38 -36.77
CA TYR A 163 2.44 -2.43 -37.13
C TYR A 163 1.18 -2.49 -36.28
N LEU A 164 1.22 -1.99 -35.05
CA LEU A 164 0.06 -2.04 -34.16
C LEU A 164 -0.67 -0.70 -34.08
N PRO A 166 -0.88 2.03 -36.10
CA PRO A 166 -1.67 2.44 -37.27
C PRO A 166 -2.91 1.60 -37.49
N ARG A 167 -2.94 0.36 -37.02
CA ARG A 167 -4.10 -0.50 -37.16
C ARG A 167 -5.05 -0.39 -35.97
N LEU A 168 -4.64 0.32 -34.91
CA LEU A 168 -5.57 0.77 -33.88
C LEU A 168 -6.18 2.12 -34.26
N ALA A 169 -5.38 3.04 -34.78
CA ALA A 169 -5.90 4.36 -35.15
C ALA A 169 -6.85 4.27 -36.33
N ASP A 170 -6.48 3.51 -37.36
CA ASP A 170 -7.27 3.40 -38.59
C ASP A 170 -7.42 1.93 -38.95
N PRO A 171 -8.43 1.24 -38.40
CA PRO A 171 -8.65 -0.15 -38.78
C PRO A 171 -9.05 -0.26 -40.24
N ILE A 172 -8.64 -1.38 -40.87
CA ILE A 172 -9.09 -1.67 -42.23
C ILE A 172 -10.61 -1.71 -42.28
N ALA A 173 -11.24 -2.27 -41.25
CA ALA A 173 -12.68 -2.25 -41.12
C ALA A 173 -13.06 -1.82 -39.71
N ASN B 2 25.15 -13.62 -37.92
CA ASN B 2 23.82 -13.69 -37.34
C ASN B 2 23.90 -13.58 -35.82
N ALA B 3 24.90 -14.25 -35.23
CA ALA B 3 25.20 -13.98 -33.83
C ALA B 3 25.73 -12.57 -33.65
N ASP B 5 24.73 -9.71 -35.38
CA ASP B 5 23.71 -8.67 -35.49
C ASP B 5 23.27 -8.14 -34.12
N LEU B 6 23.18 -9.02 -33.12
CA LEU B 6 22.79 -8.57 -31.80
C LEU B 6 23.94 -7.83 -31.11
N THR B 7 25.18 -8.28 -31.35
CA THR B 7 26.32 -7.55 -30.80
C THR B 7 26.65 -6.31 -31.62
N ILE B 8 26.37 -6.33 -32.93
CA ILE B 8 26.50 -5.12 -33.73
C ILE B 8 25.62 -4.01 -33.16
N LEU B 9 24.37 -4.34 -32.85
CA LEU B 9 23.45 -3.35 -32.31
C LEU B 9 23.76 -3.04 -30.84
N HIS B 10 24.21 -4.05 -30.08
CA HIS B 10 24.55 -3.81 -28.68
C HIS B 10 25.65 -2.75 -28.57
N ASP B 11 26.68 -2.87 -29.41
CA ASP B 11 27.76 -1.88 -29.38
C ASP B 11 27.26 -0.50 -29.79
N CYS B 12 26.35 -0.46 -30.76
CA CYS B 12 25.77 0.81 -31.17
C CYS B 12 25.00 1.47 -30.03
N PHE B 13 24.15 0.71 -29.35
CA PHE B 13 23.31 1.32 -28.32
C PHE B 13 24.12 1.73 -27.10
N ASP B 14 25.22 1.02 -26.81
CA ASP B 14 26.12 1.46 -25.75
C ASP B 14 26.77 2.80 -26.08
N ALA B 15 27.24 2.97 -27.32
CA ALA B 15 27.87 4.22 -27.72
C ALA B 15 26.89 5.39 -27.67
N LEU B 16 25.62 5.15 -27.99
CA LEU B 16 24.63 6.22 -28.01
C LEU B 16 24.24 6.69 -26.61
N GLN B 17 24.57 5.94 -25.56
CA GLN B 17 24.29 6.39 -24.21
C GLN B 17 25.20 7.54 -23.82
N ARG B 18 26.44 7.53 -24.29
CA ARG B 18 27.42 8.58 -24.02
C ARG B 18 27.70 9.39 -25.30
N ALA B 19 26.62 9.94 -25.85
CA ALA B 19 26.67 10.66 -27.13
C ALA B 19 25.73 11.87 -27.04
N PRO B 20 26.19 12.95 -26.40
CA PRO B 20 25.33 14.12 -26.20
C PRO B 20 25.21 15.05 -27.40
N THR B 21 25.91 14.78 -28.49
CA THR B 21 25.85 15.64 -29.67
C THR B 21 25.56 14.81 -30.90
N ALA B 22 25.08 15.47 -31.95
CA ALA B 22 24.86 14.78 -33.22
C ALA B 22 26.17 14.31 -33.83
N GLU B 23 27.25 15.03 -33.59
CA GLU B 23 28.56 14.58 -34.07
C GLU B 23 28.93 13.23 -33.45
N ALA B 24 28.39 12.92 -32.28
CA ALA B 24 28.71 11.68 -31.58
C ALA B 24 27.63 10.61 -31.75
N ALA B 25 26.40 11.00 -32.10
CA ALA B 25 25.30 10.07 -32.24
C ALA B 25 25.24 9.41 -33.61
N PHE B 26 25.66 10.12 -34.66
CA PHE B 26 25.59 9.55 -36.01
C PHE B 26 26.58 8.40 -36.23
N PRO B 27 27.87 8.53 -35.91
CA PRO B 27 28.84 7.48 -36.27
C PRO B 27 28.45 6.09 -35.80
N PRO B 28 28.00 5.93 -34.54
CA PRO B 28 27.61 4.56 -34.11
C PRO B 28 26.47 3.98 -34.94
N ILE B 29 25.51 4.80 -35.31
CA ILE B 29 24.42 4.32 -36.16
C ILE B 29 24.95 3.96 -37.54
N ALA B 30 25.75 4.86 -38.14
CA ALA B 30 26.33 4.58 -39.44
C ALA B 30 27.22 3.34 -39.41
N ALA B 31 27.98 3.18 -38.32
CA ALA B 31 28.82 1.99 -38.18
C ALA B 31 27.98 0.72 -38.18
N ALA B 32 26.85 0.73 -37.47
CA ALA B 32 25.98 -0.44 -37.46
C ALA B 32 25.40 -0.69 -38.85
N ALA B 33 24.94 0.36 -39.53
CA ALA B 33 24.42 0.20 -40.88
C ALA B 33 25.47 -0.41 -41.80
N ALA B 34 26.73 0.01 -41.64
CA ALA B 34 27.80 -0.55 -42.47
C ALA B 34 27.98 -2.02 -42.16
N ALA B 35 27.99 -2.40 -40.89
CA ALA B 35 28.14 -3.80 -40.52
C ALA B 35 26.96 -4.65 -40.99
N LEU B 36 25.79 -4.03 -41.20
CA LEU B 36 24.66 -4.75 -41.75
C LEU B 36 24.70 -4.82 -43.28
N GLY B 37 25.67 -4.17 -43.92
CA GLY B 37 25.83 -4.22 -45.36
C GLY B 37 25.49 -2.94 -46.10
N PHE B 38 25.12 -1.87 -45.40
CA PHE B 38 24.71 -0.61 -46.03
C PHE B 38 25.88 0.37 -45.99
N ARG B 39 26.42 0.68 -47.17
CA ARG B 39 27.55 1.60 -47.24
C ARG B 39 27.15 3.02 -46.88
N TYR B 40 25.94 3.43 -47.25
CA TYR B 40 25.47 4.79 -47.06
C TYR B 40 24.42 4.84 -45.96
N CYS B 41 24.59 5.76 -45.03
CA CYS B 41 23.64 5.99 -43.95
C CYS B 41 23.30 7.46 -43.94
N VAL B 42 22.05 7.79 -44.22
CA VAL B 42 21.60 9.17 -44.37
C VAL B 42 20.41 9.38 -43.45
N TYR B 43 20.41 10.49 -42.72
CA TYR B 43 19.29 10.87 -41.88
C TYR B 43 18.84 12.27 -42.23
N GLY B 44 17.57 12.42 -42.54
CA GLY B 44 17.00 13.72 -42.87
C GLY B 44 15.87 14.09 -41.94
N LEU B 45 15.85 15.35 -41.50
CA LEU B 45 14.83 15.89 -40.62
C LEU B 45 14.07 16.97 -41.38
N ARG B 46 12.81 16.68 -41.74
CA ARG B 46 11.99 17.60 -42.50
C ARG B 46 11.07 18.37 -41.56
N ARG B 47 11.05 19.69 -41.70
CA ARG B 47 10.22 20.56 -40.87
C ARG B 47 8.86 20.79 -41.52
N THR B 48 7.83 20.89 -40.68
CA THR B 48 6.48 21.23 -41.14
C THR B 48 6.26 22.74 -41.24
N LEU B 49 7.03 23.56 -40.49
CA LEU B 49 6.87 25.00 -40.31
C LEU B 49 7.10 25.87 -41.54
N PRO B 50 8.10 25.59 -42.39
CA PRO B 50 8.38 26.50 -43.52
C PRO B 50 7.25 26.61 -44.54
N LEU B 51 6.33 25.63 -44.57
CA LEU B 51 5.02 25.77 -45.20
C LEU B 51 5.04 25.80 -46.73
N ALA B 52 5.40 26.95 -47.31
CA ALA B 52 5.38 27.08 -48.77
C ALA B 52 6.23 26.01 -49.44
N ARG B 53 7.38 25.67 -48.83
CA ARG B 53 8.21 24.54 -49.18
C ARG B 53 8.83 24.01 -47.89
N PRO B 54 9.10 22.69 -47.79
CA PRO B 54 9.61 22.18 -46.50
C PRO B 54 11.13 22.20 -46.38
N ASP B 55 11.63 22.84 -45.33
CA ASP B 55 13.03 22.75 -44.96
C ASP B 55 13.39 21.31 -44.62
N GLN B 57 16.94 19.26 -43.03
CA GLN B 57 18.32 18.99 -42.67
C GLN B 57 18.71 17.60 -43.17
N ILE B 58 19.89 17.50 -43.78
CA ILE B 58 20.44 16.23 -44.23
C ILE B 58 21.80 16.02 -43.59
N VAL B 59 21.97 14.88 -42.93
CA VAL B 59 23.25 14.48 -42.37
C VAL B 59 23.48 13.01 -42.73
N GLY B 60 24.71 12.68 -43.14
CA GLY B 60 24.99 11.33 -43.57
C GLY B 60 26.37 11.24 -44.20
N ASN B 61 26.73 10.02 -44.58
CA ASN B 61 27.97 9.74 -45.31
C ASN B 61 27.72 9.51 -46.79
N HIS B 62 26.66 10.10 -47.33
CA HIS B 62 26.35 10.05 -48.74
C HIS B 62 27.42 10.77 -49.56
N PRO B 63 27.51 10.47 -50.87
CA PRO B 63 28.30 11.31 -51.75
C PRO B 63 27.76 12.73 -51.75
N ARG B 64 28.63 13.69 -51.42
CA ARG B 64 28.18 15.06 -51.17
C ARG B 64 27.58 15.69 -52.41
N GLU B 65 28.11 15.37 -53.58
CA GLU B 65 27.58 15.95 -54.81
C GLU B 65 26.16 15.49 -55.09
N TRP B 66 25.73 14.37 -54.50
CA TRP B 66 24.31 14.02 -54.58
C TRP B 66 23.47 14.96 -53.73
N GLU B 67 23.96 15.33 -52.54
CA GLU B 67 23.27 16.30 -51.71
C GLU B 67 23.18 17.65 -52.41
N HIS B 68 24.21 18.00 -53.19
CA HIS B 68 24.19 19.29 -53.88
C HIS B 68 23.16 19.32 -54.98
N ARG B 69 22.94 18.19 -55.66
CA ARG B 69 21.86 18.12 -56.63
C ARG B 69 20.50 18.16 -55.95
N TYR B 70 20.38 17.45 -54.81
CA TYR B 70 19.13 17.41 -54.06
C TYR B 70 18.67 18.82 -53.68
N VAL B 71 19.62 19.69 -53.35
CA VAL B 71 19.27 21.07 -53.03
C VAL B 71 19.11 21.89 -54.31
N LYS B 72 19.88 21.56 -55.36
CA LYS B 72 19.90 22.39 -56.57
C LYS B 72 18.58 22.30 -57.33
N PHE B 73 17.97 21.12 -57.35
CA PHE B 73 16.76 20.88 -58.14
C PHE B 73 15.53 20.72 -57.26
N GLY B 74 15.60 21.19 -56.01
CA GLY B 74 14.43 21.26 -55.15
C GLY B 74 13.75 19.94 -54.92
N TYR B 75 14.53 18.87 -54.73
CA TYR B 75 13.98 17.53 -54.59
C TYR B 75 13.17 17.36 -53.32
N VAL B 76 13.32 18.27 -52.35
CA VAL B 76 12.61 18.13 -51.07
C VAL B 76 11.10 18.20 -51.27
N THR B 77 10.65 18.90 -52.31
CA THR B 77 9.23 19.03 -52.60
C THR B 77 8.66 17.86 -53.38
N ILE B 78 9.51 17.03 -53.99
CA ILE B 78 9.04 15.93 -54.83
C ILE B 78 9.62 14.58 -54.44
N ASP B 79 10.36 14.51 -53.33
CA ASP B 79 11.06 13.30 -52.95
C ASP B 79 10.09 12.13 -52.83
N PRO B 80 10.24 11.08 -53.65
CA PRO B 80 9.29 9.96 -53.59
C PRO B 80 9.41 9.16 -52.32
N ILE B 81 10.60 9.10 -51.72
CA ILE B 81 10.79 8.31 -50.51
C ILE B 81 10.09 8.99 -49.33
N ILE B 82 10.33 10.29 -49.17
CA ILE B 82 9.63 11.06 -48.13
C ILE B 82 8.13 10.90 -48.28
N LYS B 83 7.63 11.04 -49.52
CA LYS B 83 6.20 10.89 -49.76
C LYS B 83 5.67 9.56 -49.25
N ARG B 84 6.49 8.51 -49.29
CA ARG B 84 6.01 7.18 -48.92
C ARG B 84 6.25 6.83 -47.45
N VAL B 85 7.30 7.38 -46.83
CA VAL B 85 7.50 7.14 -45.40
C VAL B 85 6.71 8.10 -44.54
N ALA B 86 6.16 9.15 -45.11
CA ALA B 86 5.34 10.09 -44.36
C ALA B 86 3.88 9.66 -44.29
N SER B 87 3.36 9.05 -45.36
CA SER B 87 1.97 8.59 -45.43
C SER B 87 1.75 7.24 -44.77
N GLN B 88 2.81 6.62 -44.22
CA GLN B 88 2.79 5.24 -43.77
C GLN B 88 3.86 5.05 -42.70
N PRO B 89 3.58 4.27 -41.67
CA PRO B 89 4.57 4.04 -40.60
C PRO B 89 5.49 2.84 -40.81
N ARG B 90 5.27 2.01 -41.83
N ARG B 90 5.27 2.01 -41.85
CA ARG B 90 6.14 0.86 -42.09
CA ARG B 90 6.14 0.86 -42.08
C ARG B 90 7.34 1.28 -42.93
C ARG B 90 7.32 1.25 -42.96
N PRO B 91 8.43 0.52 -42.87
CA PRO B 91 9.60 0.84 -43.71
C PRO B 91 9.32 0.69 -45.19
N VAL B 92 10.13 1.36 -45.99
CA VAL B 92 10.02 1.37 -47.45
C VAL B 92 11.34 0.89 -48.04
N VAL B 93 11.27 -0.11 -48.92
CA VAL B 93 12.44 -0.66 -49.60
C VAL B 93 12.33 -0.30 -51.08
N TRP B 94 13.35 0.37 -51.60
CA TRP B 94 13.29 0.89 -52.96
C TRP B 94 14.50 0.46 -53.79
N ASN B 95 14.30 0.53 -55.11
CA ASN B 95 15.31 0.23 -56.11
C ASN B 95 15.27 1.35 -57.12
N ALA B 96 16.38 2.09 -57.25
CA ALA B 96 16.38 3.28 -58.10
C ALA B 96 16.11 2.96 -59.57
N PHE B 97 16.32 1.72 -59.99
CA PHE B 97 16.07 1.34 -61.37
C PHE B 97 14.68 0.77 -61.59
N ASP B 98 13.90 0.52 -60.53
CA ASP B 98 12.57 -0.05 -60.65
C ASP B 98 11.47 0.83 -60.07
N GLU B 99 11.80 2.02 -59.59
CA GLU B 99 10.78 2.89 -59.02
C GLU B 99 10.12 3.71 -60.13
N PRO B 100 8.78 3.76 -60.17
CA PRO B 100 8.09 4.43 -61.28
C PRO B 100 7.98 5.94 -61.08
N GLY B 101 8.07 6.67 -62.18
CA GLY B 101 8.03 8.11 -62.12
C GLY B 101 9.28 8.70 -61.48
N ASP B 102 9.24 10.01 -61.28
CA ASP B 102 10.33 10.77 -60.67
C ASP B 102 11.67 10.43 -61.33
N THR B 103 11.67 10.51 -62.67
CA THR B 103 12.82 10.04 -63.44
C THR B 103 14.08 10.79 -63.07
N ALA B 104 14.00 12.13 -62.99
CA ALA B 104 15.18 12.92 -62.64
C ALA B 104 15.67 12.58 -61.25
N PHE B 105 14.78 12.45 -60.28
CA PHE B 105 15.18 12.12 -58.91
C PHE B 105 15.96 10.81 -58.88
N TRP B 106 15.42 9.77 -59.50
CA TRP B 106 16.05 8.46 -59.41
C TRP B 106 17.31 8.38 -60.26
N HIS B 107 17.36 9.15 -61.35
CA HIS B 107 18.59 9.23 -62.13
C HIS B 107 19.74 9.78 -61.29
N ASP B 108 19.47 10.83 -60.49
CA ASP B 108 20.53 11.42 -59.68
C ASP B 108 20.95 10.48 -58.56
N ALA B 109 20.00 9.79 -57.93
CA ALA B 109 20.33 8.87 -56.86
C ALA B 109 21.17 7.71 -57.38
N ALA B 110 20.73 7.08 -58.47
CA ALA B 110 21.49 5.99 -59.08
C ALA B 110 22.86 6.43 -59.56
N CYS B 111 23.02 7.72 -59.87
CA CYS B 111 24.31 8.21 -60.37
C CYS B 111 25.39 8.12 -59.31
N PHE B 112 25.04 8.30 -58.04
CA PHE B 112 26.00 8.30 -56.94
C PHE B 112 25.90 7.05 -56.09
N GLY B 113 25.42 5.95 -56.69
CA GLY B 113 25.38 4.67 -56.02
C GLY B 113 24.27 4.49 -55.01
N ARG B 115 21.20 3.37 -54.72
CA ARG B 115 20.37 2.63 -55.67
C ARG B 115 19.40 1.67 -55.01
N TYR B 116 19.83 0.94 -53.99
CA TYR B 116 18.99 -0.05 -53.31
C TYR B 116 18.96 0.34 -51.84
N GLY B 117 17.86 0.95 -51.39
CA GLY B 117 17.86 1.52 -50.06
C GLY B 117 16.73 1.08 -49.16
N TRP B 118 16.92 1.31 -47.86
N TRP B 118 16.91 1.32 -47.86
CA TRP B 118 15.93 0.99 -46.83
CA TRP B 118 15.94 1.00 -46.83
C TRP B 118 15.66 2.29 -46.08
C TRP B 118 15.65 2.28 -46.05
N SER B 119 14.40 2.75 -46.11
CA SER B 119 14.03 4.03 -45.51
C SER B 119 12.86 3.86 -44.55
N HIS B 120 12.92 4.58 -43.44
CA HIS B 120 11.85 4.57 -42.46
C HIS B 120 11.74 5.95 -41.84
N GLY B 121 10.52 6.42 -41.68
CA GLY B 121 10.25 7.76 -41.18
C GLY B 121 9.51 7.74 -39.85
N GLY B 122 9.90 8.65 -38.96
CA GLY B 122 9.24 8.78 -37.68
C GLY B 122 8.99 10.25 -37.36
N TYR B 123 7.99 10.47 -36.52
CA TYR B 123 7.59 11.81 -36.11
C TYR B 123 7.95 12.06 -34.65
N ASP B 124 8.05 13.34 -34.30
CA ASP B 124 8.23 13.76 -32.92
C ASP B 124 6.99 14.54 -32.46
N ARG B 125 7.05 15.01 -31.21
CA ARG B 125 5.90 15.71 -30.64
C ARG B 125 5.55 16.95 -31.45
N ALA B 126 6.56 17.67 -31.95
CA ALA B 126 6.32 18.88 -32.72
C ALA B 126 5.70 18.59 -34.08
N GLY B 127 5.79 17.35 -34.57
CA GLY B 127 5.29 17.01 -35.88
C GLY B 127 6.33 16.93 -36.96
N ASN B 128 7.60 17.12 -36.63
CA ASN B 128 8.66 16.98 -37.62
C ASN B 128 8.76 15.54 -38.10
N LEU B 129 9.39 15.36 -39.26
CA LEU B 129 9.60 14.04 -39.85
C LEU B 129 11.10 13.78 -39.93
N GLY B 130 11.55 12.77 -39.19
CA GLY B 130 12.91 12.26 -39.33
C GLY B 130 12.86 10.99 -40.15
N VAL B 131 13.80 10.87 -41.08
CA VAL B 131 13.82 9.76 -42.03
C VAL B 131 15.22 9.14 -42.01
N LEU B 132 15.29 7.86 -41.69
CA LEU B 132 16.55 7.11 -41.73
C LEU B 132 16.61 6.31 -43.02
N THR B 133 17.65 6.53 -43.81
CA THR B 133 17.81 5.86 -45.10
C THR B 133 19.14 5.14 -45.12
N LEU B 134 19.09 3.83 -45.39
CA LEU B 134 20.28 2.98 -45.46
C LEU B 134 20.37 2.42 -46.86
N VAL B 135 21.50 2.66 -47.54
CA VAL B 135 21.57 2.36 -48.97
C VAL B 135 22.80 1.51 -49.29
N ARG B 136 22.62 0.63 -50.27
CA ARG B 136 23.68 -0.15 -50.89
C ARG B 136 23.92 0.36 -52.31
N ASP B 137 25.12 0.09 -52.82
CA ASP B 137 25.46 0.33 -54.21
C ASP B 137 25.73 -0.97 -54.97
N THR B 138 25.51 -2.12 -54.33
CA THR B 138 25.94 -3.38 -54.90
C THR B 138 24.80 -4.11 -55.59
N THR B 139 23.91 -4.72 -54.81
CA THR B 139 22.85 -5.59 -55.31
C THR B 139 21.52 -5.19 -54.69
N PRO B 140 20.41 -5.42 -55.40
CA PRO B 140 19.09 -5.15 -54.83
C PRO B 140 18.79 -6.01 -53.61
N LEU B 141 17.78 -5.60 -52.86
CA LEU B 141 17.34 -6.32 -51.66
C LEU B 141 16.28 -7.36 -52.03
N ASP B 142 16.61 -8.64 -51.86
CA ASP B 142 15.67 -9.71 -52.15
C ASP B 142 14.81 -10.00 -50.92
N ALA B 143 13.75 -10.79 -51.15
CA ALA B 143 12.80 -11.09 -50.08
C ALA B 143 13.42 -11.85 -48.92
N ASP B 144 14.52 -12.57 -49.15
CA ASP B 144 15.12 -13.37 -48.09
C ASP B 144 15.94 -12.51 -47.14
N GLU B 145 16.81 -11.65 -47.69
CA GLU B 145 17.65 -10.83 -46.82
C GLU B 145 16.83 -9.76 -46.12
N ILE B 146 15.72 -9.32 -46.71
CA ILE B 146 14.84 -8.35 -46.05
C ILE B 146 14.31 -8.94 -44.75
N SER B 147 13.92 -10.22 -44.75
CA SER B 147 13.36 -10.85 -43.56
C SER B 147 14.31 -10.75 -42.38
N ARG B 148 15.56 -11.16 -42.57
CA ARG B 148 16.49 -11.14 -41.44
C ARG B 148 16.97 -9.74 -41.12
N LEU B 149 16.80 -8.78 -42.03
CA LEU B 149 17.23 -7.42 -41.78
C LEU B 149 16.19 -6.57 -41.04
N ARG B 150 14.96 -7.07 -40.91
CA ARG B 150 13.89 -6.26 -40.35
C ARG B 150 14.18 -5.89 -38.90
N ALA B 151 14.36 -6.90 -38.04
CA ALA B 151 14.60 -6.61 -36.63
C ALA B 151 15.84 -5.74 -36.41
N PRO B 152 17.00 -5.99 -37.04
CA PRO B 152 18.12 -5.06 -36.83
C PRO B 152 17.86 -3.67 -37.35
N CYS B 153 17.21 -3.53 -38.53
CA CYS B 153 16.94 -2.20 -39.06
C CYS B 153 15.89 -1.46 -38.25
N ALA B 154 14.94 -2.19 -37.67
CA ALA B 154 14.00 -1.57 -36.74
C ALA B 154 14.73 -0.94 -35.56
N SER B 155 15.70 -1.66 -34.99
CA SER B 155 16.49 -1.08 -33.90
C SER B 155 17.23 0.17 -34.36
N LEU B 156 17.78 0.16 -35.57
CA LEU B 156 18.47 1.33 -36.09
C LEU B 156 17.51 2.50 -36.27
N SER B 157 16.30 2.23 -36.77
CA SER B 157 15.29 3.27 -36.87
C SER B 157 15.00 3.88 -35.51
N HIS B 158 14.66 3.04 -34.54
CA HIS B 158 14.44 3.54 -33.18
C HIS B 158 15.65 4.31 -32.69
N ALA B 159 16.85 3.79 -32.93
CA ALA B 159 18.05 4.48 -32.47
C ALA B 159 18.17 5.86 -33.11
N ALA B 160 17.91 5.95 -34.41
CA ALA B 160 18.07 7.22 -35.11
C ALA B 160 17.01 8.22 -34.65
N HIS B 161 15.77 7.78 -34.50
CA HIS B 161 14.68 8.68 -34.15
C HIS B 161 14.76 9.11 -32.69
N ALA B 162 15.35 8.30 -31.82
CA ALA B 162 15.40 8.60 -30.39
C ALA B 162 16.66 9.31 -29.96
N TYR B 163 17.79 9.07 -30.63
CA TYR B 163 19.08 9.63 -30.23
C TYR B 163 19.65 10.64 -31.20
N LEU B 164 19.40 10.48 -32.50
CA LEU B 164 19.94 11.41 -33.48
C LEU B 164 18.96 12.54 -33.80
N PRO B 166 16.49 14.05 -32.03
CA PRO B 166 16.41 15.15 -31.07
C PRO B 166 17.61 16.09 -31.12
N ARG B 167 18.82 15.55 -31.30
CA ARG B 167 20.03 16.37 -31.35
C ARG B 167 20.05 17.29 -32.56
N LEU B 168 19.43 16.88 -33.66
CA LEU B 168 19.31 17.75 -34.83
C LEU B 168 18.21 18.79 -34.65
N ALA B 169 17.18 18.47 -33.87
CA ALA B 169 16.02 19.33 -33.78
C ALA B 169 16.23 20.52 -32.84
N ASP B 170 16.98 20.33 -31.75
CA ASP B 170 17.00 21.42 -30.78
C ASP B 170 18.37 21.73 -30.18
N PRO B 171 19.17 20.72 -29.74
CA PRO B 171 20.50 21.09 -29.22
C PRO B 171 21.38 21.85 -30.20
N ALA C 3 -2.57 -14.72 32.65
CA ALA C 3 -2.89 -15.65 33.72
C ALA C 3 -3.49 -16.93 33.15
N ASP C 5 -2.95 -17.90 30.18
CA ASP C 5 -2.08 -18.32 29.10
C ASP C 5 -1.50 -19.71 29.34
N LEU C 6 -1.30 -20.11 30.60
CA LEU C 6 -0.73 -21.42 30.86
C LEU C 6 -1.71 -22.55 30.59
N THR C 7 -3.01 -22.33 30.80
CA THR C 7 -3.99 -23.36 30.50
C THR C 7 -3.96 -23.72 29.02
N ILE C 8 -3.72 -22.73 28.15
CA ILE C 8 -3.65 -22.98 26.72
C ILE C 8 -2.39 -23.77 26.37
N LEU C 9 -1.27 -23.46 27.03
CA LEU C 9 -0.05 -24.20 26.77
C LEU C 9 -0.08 -25.57 27.42
N HIS C 10 -0.68 -25.67 28.61
CA HIS C 10 -0.86 -26.97 29.24
C HIS C 10 -1.69 -27.90 28.35
N ASP C 11 -2.78 -27.38 27.79
CA ASP C 11 -3.58 -28.18 26.86
C ASP C 11 -2.80 -28.49 25.59
N CYS C 12 -1.90 -27.60 25.18
CA CYS C 12 -1.13 -27.84 23.97
C CYS C 12 -0.14 -28.99 24.16
N PHE C 13 0.65 -28.92 25.23
CA PHE C 13 1.68 -29.94 25.45
C PHE C 13 1.08 -31.31 25.76
N ASP C 14 -0.10 -31.35 26.38
CA ASP C 14 -0.80 -32.62 26.53
C ASP C 14 -1.15 -33.20 25.16
N ALA C 15 -1.75 -32.37 24.29
CA ALA C 15 -2.15 -32.85 22.97
C ALA C 15 -0.96 -33.30 22.14
N LEU C 16 0.22 -32.73 22.40
CA LEU C 16 1.41 -33.06 21.62
C LEU C 16 2.04 -34.39 22.03
N GLN C 17 1.73 -34.90 23.22
CA GLN C 17 2.24 -36.21 23.60
C GLN C 17 1.61 -37.32 22.76
N ARG C 18 0.33 -37.18 22.43
CA ARG C 18 -0.41 -38.18 21.65
C ARG C 18 -0.54 -37.75 20.19
N ALA C 19 0.51 -37.17 19.62
CA ALA C 19 0.48 -36.67 18.24
C ALA C 19 1.55 -37.38 17.42
N PRO C 20 1.17 -38.38 16.61
CA PRO C 20 2.19 -39.16 15.88
C PRO C 20 2.63 -38.52 14.58
N THR C 21 1.78 -37.68 13.97
CA THR C 21 2.06 -37.08 12.68
C THR C 21 2.06 -35.57 12.78
N ALA C 22 2.59 -34.92 11.73
CA ALA C 22 2.60 -33.47 11.67
C ALA C 22 1.20 -32.91 11.46
N GLU C 23 0.30 -33.70 10.86
CA GLU C 23 -1.09 -33.27 10.72
C GLU C 23 -1.74 -33.06 12.08
N ALA C 24 -1.33 -33.84 13.09
CA ALA C 24 -1.91 -33.75 14.41
C ALA C 24 -1.06 -32.98 15.40
N ALA C 25 0.17 -32.63 15.03
CA ALA C 25 1.04 -31.83 15.90
C ALA C 25 0.89 -30.33 15.66
N PHE C 26 0.50 -29.93 14.45
CA PHE C 26 0.34 -28.49 14.18
C PHE C 26 -0.90 -27.90 14.84
N PRO C 27 -2.08 -28.52 14.79
CA PRO C 27 -3.30 -27.88 15.34
C PRO C 27 -3.13 -27.45 16.80
N PRO C 28 -2.55 -28.28 17.69
CA PRO C 28 -2.37 -27.79 19.07
C PRO C 28 -1.51 -26.56 19.15
N ILE C 29 -0.44 -26.49 18.34
CA ILE C 29 0.42 -25.31 18.32
C ILE C 29 -0.33 -24.13 17.73
N ALA C 30 -1.09 -24.36 16.65
CA ALA C 30 -1.86 -23.29 16.05
C ALA C 30 -2.97 -22.82 16.98
N ALA C 31 -3.69 -23.75 17.60
CA ALA C 31 -4.74 -23.38 18.54
C ALA C 31 -4.17 -22.59 19.71
N ALA C 32 -2.98 -22.97 20.18
CA ALA C 32 -2.35 -22.22 21.26
C ALA C 32 -2.01 -20.80 20.79
N ALA C 33 -1.30 -20.70 19.67
CA ALA C 33 -0.93 -19.39 19.13
C ALA C 33 -2.15 -18.51 18.89
N ALA C 34 -3.25 -19.12 18.42
CA ALA C 34 -4.48 -18.36 18.22
C ALA C 34 -4.97 -17.75 19.52
N ALA C 35 -4.88 -18.50 20.62
CA ALA C 35 -5.34 -18.03 21.92
C ALA C 35 -4.39 -17.02 22.54
N LEU C 36 -3.25 -16.75 21.92
CA LEU C 36 -2.37 -15.66 22.34
C LEU C 36 -2.53 -14.43 21.47
N GLY C 37 -3.46 -14.43 20.53
CA GLY C 37 -3.70 -13.28 19.67
C GLY C 37 -3.07 -13.33 18.30
N PHE C 38 -2.63 -14.51 17.85
CA PHE C 38 -2.02 -14.67 16.53
C PHE C 38 -2.99 -15.43 15.63
N ARG C 39 -3.53 -14.75 14.63
CA ARG C 39 -4.47 -15.41 13.71
C ARG C 39 -3.77 -16.47 12.87
N TYR C 40 -2.51 -16.22 12.50
CA TYR C 40 -1.77 -17.09 11.59
C TYR C 40 -0.61 -17.74 12.32
N CYS C 41 -0.42 -19.04 12.06
CA CYS C 41 0.67 -19.81 12.63
C CYS C 41 1.32 -20.62 11.53
N VAL C 42 2.59 -20.36 11.27
CA VAL C 42 3.32 -20.98 10.17
C VAL C 42 4.61 -21.56 10.70
N TYR C 43 4.95 -22.77 10.24
CA TYR C 43 6.22 -23.40 10.55
C TYR C 43 6.84 -23.89 9.24
N GLY C 44 8.10 -23.55 9.04
CA GLY C 44 8.81 -23.97 7.85
C GLY C 44 10.09 -24.69 8.21
N LEU C 45 10.43 -25.70 7.41
CA LEU C 45 11.63 -26.49 7.61
C LEU C 45 12.46 -26.43 6.34
N ARG C 46 13.62 -25.79 6.39
CA ARG C 46 14.55 -25.80 5.27
C ARG C 46 15.75 -26.68 5.64
N ARG C 47 16.06 -27.63 4.77
CA ARG C 47 17.08 -28.63 5.03
C ARG C 47 18.45 -28.15 4.57
N THR C 48 19.49 -28.90 4.93
CA THR C 48 20.85 -28.54 4.54
C THR C 48 21.20 -29.07 3.14
N LEU C 49 20.60 -30.19 2.75
CA LEU C 49 20.94 -30.81 1.47
C LEU C 49 20.65 -29.98 0.23
N PRO C 50 19.60 -29.12 0.17
CA PRO C 50 19.39 -28.46 -1.12
C PRO C 50 20.48 -27.46 -1.49
N ARG C 53 20.00 -24.06 -3.72
CA ARG C 53 18.68 -23.47 -3.49
C ARG C 53 18.14 -23.87 -2.12
N PRO C 54 17.25 -23.04 -1.57
CA PRO C 54 16.58 -23.42 -0.31
C PRO C 54 15.38 -24.32 -0.56
N ASP C 55 15.34 -25.46 0.11
CA ASP C 55 14.21 -26.39 0.09
C ASP C 55 13.41 -26.14 1.36
N GLN C 57 9.79 -26.78 3.23
CA GLN C 57 8.46 -27.35 3.39
C GLN C 57 7.73 -26.55 4.45
N ILE C 58 6.47 -26.21 4.16
CA ILE C 58 5.71 -25.25 4.95
C ILE C 58 4.42 -25.91 5.44
N VAL C 59 4.08 -25.66 6.70
CA VAL C 59 2.78 -26.01 7.25
C VAL C 59 2.24 -24.79 7.97
N GLY C 60 0.95 -24.51 7.78
CA GLY C 60 0.36 -23.37 8.47
C GLY C 60 -1.10 -23.20 8.11
N ASN C 61 -1.78 -22.39 8.93
CA ASN C 61 -3.10 -21.87 8.60
C ASN C 61 -3.02 -20.51 7.90
N HIS C 62 -1.89 -20.24 7.24
CA HIS C 62 -1.68 -18.99 6.54
C HIS C 62 -2.61 -18.88 5.33
N PRO C 63 -2.80 -17.68 4.80
CA PRO C 63 -3.64 -17.53 3.60
C PRO C 63 -3.04 -18.27 2.42
N ARG C 64 -3.88 -19.07 1.75
CA ARG C 64 -3.45 -19.80 0.57
C ARG C 64 -2.87 -18.87 -0.48
N GLU C 65 -3.42 -17.66 -0.59
CA GLU C 65 -2.97 -16.73 -1.62
C GLU C 65 -1.58 -16.17 -1.32
N TRP C 66 -1.26 -15.98 -0.04
CA TRP C 66 0.08 -15.52 0.31
C TRP C 66 1.12 -16.56 -0.03
N GLU C 67 0.86 -17.84 0.28
CA GLU C 67 1.83 -18.88 -0.03
C GLU C 67 2.02 -19.02 -1.53
N HIS C 68 0.95 -18.85 -2.31
CA HIS C 68 1.06 -19.00 -3.75
C HIS C 68 2.03 -17.98 -4.32
N ARG C 69 2.00 -16.74 -3.82
CA ARG C 69 2.93 -15.73 -4.32
C ARG C 69 4.32 -15.91 -3.74
N TYR C 70 4.42 -16.40 -2.50
CA TYR C 70 5.72 -16.67 -1.91
C TYR C 70 6.49 -17.69 -2.74
N VAL C 71 5.78 -18.68 -3.28
CA VAL C 71 6.41 -19.67 -4.16
C VAL C 71 6.59 -19.10 -5.56
N LYS C 72 5.61 -18.33 -6.03
CA LYS C 72 5.64 -17.79 -7.38
C LYS C 72 6.85 -16.90 -7.59
N PHE C 73 7.16 -16.03 -6.63
CA PHE C 73 8.25 -15.06 -6.76
C PHE C 73 9.53 -15.53 -6.07
N GLY C 74 9.62 -16.79 -5.67
CA GLY C 74 10.82 -17.33 -5.06
C GLY C 74 11.30 -16.57 -3.83
N TYR C 75 10.38 -16.21 -2.93
CA TYR C 75 10.75 -15.40 -1.79
C TYR C 75 11.63 -16.16 -0.79
N VAL C 76 11.64 -17.48 -0.84
CA VAL C 76 12.40 -18.26 0.15
C VAL C 76 13.89 -17.96 0.03
N THR C 77 14.36 -17.62 -1.17
CA THR C 77 15.77 -17.29 -1.35
C THR C 77 16.12 -15.91 -0.81
N ILE C 78 15.14 -15.02 -0.69
CA ILE C 78 15.38 -13.64 -0.28
C ILE C 78 14.68 -13.26 1.01
N ASP C 79 13.96 -14.19 1.64
CA ASP C 79 13.17 -13.95 2.84
C ASP C 79 14.02 -13.28 3.91
N PRO C 80 13.71 -12.02 4.27
CA PRO C 80 14.53 -11.33 5.27
C PRO C 80 14.39 -11.89 6.67
N ILE C 81 13.23 -12.47 7.00
CA ILE C 81 13.05 -13.03 8.35
C ILE C 81 13.85 -14.31 8.52
N ILE C 82 13.80 -15.20 7.53
CA ILE C 82 14.58 -16.43 7.59
C ILE C 82 16.06 -16.11 7.70
N LYS C 83 16.52 -15.08 6.98
CA LYS C 83 17.91 -14.67 7.10
C LYS C 83 18.24 -14.22 8.51
N ARG C 84 17.27 -13.63 9.22
CA ARG C 84 17.53 -13.07 10.53
C ARG C 84 17.33 -14.08 11.66
N VAL C 85 16.46 -15.08 11.48
CA VAL C 85 16.34 -16.10 12.51
C VAL C 85 17.38 -17.20 12.35
N ALA C 86 17.96 -17.34 11.17
CA ALA C 86 19.00 -18.34 10.95
C ALA C 86 20.37 -17.87 11.42
N SER C 87 20.56 -16.57 11.60
CA SER C 87 21.86 -16.05 11.99
C SER C 87 22.02 -15.84 13.48
N GLN C 88 20.92 -15.86 14.24
CA GLN C 88 20.96 -15.57 15.68
C GLN C 88 19.87 -16.37 16.36
N PRO C 89 20.03 -16.71 17.64
CA PRO C 89 19.10 -17.60 18.32
C PRO C 89 17.90 -16.93 18.96
N ARG C 90 17.78 -15.59 18.87
CA ARG C 90 16.68 -14.96 19.59
C ARG C 90 15.50 -14.70 18.65
N PRO C 91 14.28 -14.62 19.20
CA PRO C 91 13.11 -14.36 18.35
C PRO C 91 13.19 -12.98 17.70
N VAL C 92 12.62 -12.90 16.50
CA VAL C 92 12.56 -11.67 15.72
C VAL C 92 11.11 -11.21 15.64
N VAL C 93 10.87 -9.96 16.05
CA VAL C 93 9.57 -9.33 15.92
C VAL C 93 9.62 -8.37 14.73
N TRP C 94 8.65 -8.46 13.83
CA TRP C 94 8.69 -7.69 12.60
C TRP C 94 7.33 -7.07 12.30
N ASN C 95 7.37 -6.01 11.49
CA ASN C 95 6.19 -5.24 11.09
C ASN C 95 6.28 -5.02 9.59
N ALA C 96 5.34 -5.58 8.83
CA ALA C 96 5.43 -5.54 7.37
C ALA C 96 5.42 -4.12 6.82
N PHE C 97 4.87 -3.16 7.56
CA PHE C 97 4.84 -1.78 7.11
C PHE C 97 6.01 -0.95 7.65
N ASP C 98 6.94 -1.57 8.38
CA ASP C 98 7.99 -0.79 9.02
C ASP C 98 9.35 -1.50 8.97
N GLU C 99 9.60 -2.27 7.91
CA GLU C 99 10.88 -2.95 7.77
C GLU C 99 11.74 -2.28 6.71
N PRO C 100 13.05 -2.21 6.92
CA PRO C 100 13.92 -1.61 5.91
C PRO C 100 14.20 -2.59 4.77
N GLY C 101 14.07 -2.09 3.54
CA GLY C 101 14.39 -2.87 2.37
C GLY C 101 13.37 -3.97 2.10
N ASP C 102 13.68 -4.77 1.07
CA ASP C 102 12.80 -5.83 0.58
C ASP C 102 11.39 -5.31 0.37
N THR C 103 11.30 -4.17 -0.32
CA THR C 103 10.02 -3.46 -0.43
C THR C 103 8.95 -4.35 -1.03
N ALA C 104 9.28 -5.03 -2.14
CA ALA C 104 8.32 -5.94 -2.75
C ALA C 104 7.89 -7.04 -1.77
N PHE C 105 8.85 -7.66 -1.08
CA PHE C 105 8.53 -8.74 -0.17
C PHE C 105 7.57 -8.27 0.92
N TRP C 106 7.88 -7.14 1.56
CA TRP C 106 7.03 -6.67 2.64
C TRP C 106 5.72 -6.10 2.13
N HIS C 107 5.69 -5.62 0.88
CA HIS C 107 4.43 -5.18 0.29
C HIS C 107 3.47 -6.36 0.14
N ASP C 108 3.98 -7.48 -0.39
CA ASP C 108 3.13 -8.64 -0.65
C ASP C 108 2.64 -9.27 0.65
N ALA C 109 3.51 -9.39 1.65
CA ALA C 109 3.09 -9.92 2.94
C ALA C 109 2.01 -9.05 3.57
N ALA C 110 2.16 -7.73 3.48
CA ALA C 110 1.18 -6.82 4.07
C ALA C 110 -0.17 -6.94 3.37
N CYS C 111 -0.16 -7.10 2.05
CA CYS C 111 -1.42 -7.10 1.30
C CYS C 111 -2.26 -8.34 1.58
N PHE C 112 -1.69 -9.40 2.14
CA PHE C 112 -2.43 -10.61 2.44
C PHE C 112 -2.68 -10.80 3.93
N GLY C 113 -2.33 -9.82 4.76
CA GLY C 113 -2.57 -9.90 6.18
C GLY C 113 -1.43 -10.44 7.01
N ARG C 115 1.15 -9.27 8.63
CA ARG C 115 1.58 -7.91 8.93
C ARG C 115 2.50 -7.80 10.14
N TYR C 116 2.06 -8.29 11.30
CA TYR C 116 2.79 -8.16 12.55
C TYR C 116 3.13 -9.55 13.07
N GLY C 117 4.42 -9.88 13.12
CA GLY C 117 4.84 -11.26 13.26
C GLY C 117 5.91 -11.44 14.33
N TRP C 118 5.98 -12.70 14.78
CA TRP C 118 6.94 -13.16 15.77
C TRP C 118 7.57 -14.41 15.19
N SER C 119 8.88 -14.45 15.06
CA SER C 119 9.52 -15.57 14.40
C SER C 119 10.75 -16.03 15.18
N HIS C 120 10.93 -17.34 15.27
CA HIS C 120 12.05 -17.92 15.97
C HIS C 120 12.55 -19.14 15.19
N GLY C 121 13.86 -19.29 15.14
CA GLY C 121 14.49 -20.35 14.36
C GLY C 121 15.29 -21.30 15.22
N GLY C 122 15.11 -22.60 14.99
CA GLY C 122 15.82 -23.61 15.75
C GLY C 122 16.45 -24.63 14.83
N TYR C 123 17.38 -25.40 15.38
CA TYR C 123 18.15 -26.37 14.63
C TYR C 123 18.06 -27.74 15.30
N ASP C 124 18.00 -28.79 14.47
CA ASP C 124 18.12 -30.16 14.94
C ASP C 124 19.56 -30.64 14.75
N ARG C 125 19.83 -31.88 15.14
CA ARG C 125 21.20 -32.39 15.05
C ARG C 125 21.68 -32.49 13.61
N ALA C 126 20.76 -32.72 12.66
CA ALA C 126 21.17 -32.83 11.27
C ALA C 126 21.75 -31.53 10.74
N GLY C 127 21.32 -30.40 11.28
CA GLY C 127 21.72 -29.10 10.78
C GLY C 127 20.59 -28.34 10.11
N ASN C 128 19.41 -28.95 9.97
CA ASN C 128 18.30 -28.29 9.34
C ASN C 128 17.79 -27.14 10.21
N LEU C 129 16.99 -26.27 9.59
CA LEU C 129 16.46 -25.09 10.25
C LEU C 129 14.93 -25.18 10.27
N GLY C 130 14.35 -24.95 11.43
CA GLY C 130 12.92 -24.84 11.55
C GLY C 130 12.53 -23.48 12.07
N VAL C 131 11.60 -22.81 11.40
CA VAL C 131 11.20 -21.45 11.76
C VAL C 131 9.72 -21.46 12.11
N LEU C 132 9.41 -21.11 13.36
CA LEU C 132 8.04 -20.87 13.77
C LEU C 132 7.73 -19.39 13.58
N THR C 133 6.67 -19.09 12.83
CA THR C 133 6.24 -17.73 12.59
C THR C 133 4.80 -17.57 13.05
N LEU C 134 4.59 -16.64 13.99
CA LEU C 134 3.27 -16.34 14.51
C LEU C 134 2.90 -14.92 14.06
N VAL C 135 1.75 -14.79 13.41
CA VAL C 135 1.37 -13.55 12.76
C VAL C 135 -0.02 -13.15 13.20
N ARG C 136 -0.21 -11.85 13.44
CA ARG C 136 -1.52 -11.26 13.62
C ARG C 136 -1.65 -10.07 12.66
N ASP C 137 -2.89 -9.65 12.42
CA ASP C 137 -3.18 -8.58 11.49
C ASP C 137 -3.96 -7.44 12.14
N THR C 138 -3.94 -7.35 13.46
CA THR C 138 -4.72 -6.32 14.16
C THR C 138 -3.89 -5.08 14.42
N THR C 139 -2.88 -5.19 15.27
CA THR C 139 -2.09 -4.04 15.69
C THR C 139 -0.62 -4.46 15.82
N PRO C 140 0.33 -3.55 15.58
CA PRO C 140 1.74 -3.89 15.73
C PRO C 140 2.08 -4.28 17.17
N LEU C 141 3.17 -5.02 17.31
CA LEU C 141 3.54 -5.62 18.60
C LEU C 141 4.14 -4.55 19.49
N ASP C 142 3.36 -4.10 20.47
CA ASP C 142 3.81 -3.10 21.43
C ASP C 142 4.92 -3.67 22.31
N ALA C 143 5.90 -2.83 22.64
CA ALA C 143 7.02 -3.28 23.48
C ALA C 143 6.53 -3.80 24.82
N ASP C 144 5.43 -3.24 25.35
CA ASP C 144 4.88 -3.72 26.60
C ASP C 144 4.34 -5.14 26.46
N GLU C 145 3.60 -5.41 25.39
CA GLU C 145 3.04 -6.75 25.23
C GLU C 145 4.04 -7.76 24.67
N ILE C 146 5.21 -7.31 24.20
CA ILE C 146 6.27 -8.24 23.87
C ILE C 146 6.81 -8.89 25.15
N SER C 147 6.88 -8.12 26.23
CA SER C 147 7.29 -8.67 27.52
C SER C 147 6.34 -9.77 27.98
N ARG C 148 5.03 -9.53 27.87
CA ARG C 148 4.06 -10.52 28.30
C ARG C 148 4.19 -11.81 27.49
N LEU C 149 4.48 -11.69 26.19
CA LEU C 149 4.42 -12.83 25.27
C LEU C 149 5.71 -13.61 25.18
N ARG C 150 6.81 -13.13 25.78
CA ARG C 150 8.10 -13.77 25.58
C ARG C 150 8.11 -15.19 26.14
N ALA C 151 7.64 -15.36 27.38
CA ALA C 151 7.68 -16.69 27.98
C ALA C 151 6.69 -17.65 27.30
N PRO C 152 5.43 -17.28 27.05
CA PRO C 152 4.55 -18.22 26.34
C PRO C 152 5.03 -18.54 24.93
N CYS C 153 5.52 -17.56 24.17
CA CYS C 153 6.03 -17.84 22.83
C CYS C 153 7.27 -18.73 22.87
N ALA C 154 8.08 -18.61 23.92
CA ALA C 154 9.20 -19.53 24.11
C ALA C 154 8.72 -20.97 24.18
N SER C 155 7.60 -21.22 24.88
CA SER C 155 7.07 -22.57 24.97
C SER C 155 6.63 -23.10 23.61
N LEU C 156 5.96 -22.25 22.82
CA LEU C 156 5.50 -22.69 21.51
C LEU C 156 6.67 -22.92 20.56
N SER C 157 7.68 -22.06 20.61
CA SER C 157 8.91 -22.32 19.85
C SER C 157 9.48 -23.69 20.21
N HIS C 158 9.70 -23.91 21.51
CA HIS C 158 10.20 -25.22 21.96
C HIS C 158 9.28 -26.34 21.49
N ALA C 159 7.98 -26.17 21.64
CA ALA C 159 7.02 -27.20 21.23
C ALA C 159 7.14 -27.47 19.73
N ALA C 160 7.28 -26.41 18.93
CA ALA C 160 7.34 -26.59 17.48
C ALA C 160 8.62 -27.30 17.07
N HIS C 161 9.77 -26.86 17.59
CA HIS C 161 11.03 -27.47 17.22
C HIS C 161 11.16 -28.89 17.74
N ALA C 162 10.39 -29.26 18.77
CA ALA C 162 10.52 -30.57 19.38
C ALA C 162 9.45 -31.56 18.96
N TYR C 163 8.24 -31.09 18.66
CA TYR C 163 7.13 -31.99 18.32
C TYR C 163 6.69 -31.89 16.87
N LEU C 164 7.11 -30.87 16.13
CA LEU C 164 6.68 -30.65 14.76
C LEU C 164 7.81 -30.78 13.76
N PRO C 166 10.65 -32.50 13.98
CA PRO C 166 11.00 -33.91 13.77
C PRO C 166 10.01 -34.66 12.88
N ARG C 167 8.73 -34.29 12.93
CA ARG C 167 7.71 -34.93 12.10
C ARG C 167 7.67 -34.41 10.67
N LEU C 168 8.19 -33.22 10.42
CA LEU C 168 8.40 -32.77 9.04
C LEU C 168 9.72 -33.27 8.47
N ALA C 169 10.69 -33.56 9.35
CA ALA C 169 12.00 -33.98 8.89
C ALA C 169 11.99 -35.40 8.34
N ASP C 170 11.14 -36.27 8.89
CA ASP C 170 11.00 -37.63 8.38
C ASP C 170 9.73 -38.28 8.92
N ALA D 3 -1.13 -18.38 37.59
CA ALA D 3 -0.31 -17.32 37.01
C ALA D 3 0.98 -17.12 37.79
N ASP D 5 3.29 -19.48 38.02
CA ASP D 5 4.30 -19.97 37.09
C ASP D 5 4.59 -18.94 36.00
N LEU D 6 3.56 -18.20 35.57
CA LEU D 6 3.77 -17.18 34.55
C LEU D 6 4.64 -16.04 35.06
N THR D 7 4.39 -15.57 36.29
CA THR D 7 5.12 -14.43 36.79
C THR D 7 6.59 -14.76 37.05
N ILE D 8 6.90 -16.04 37.29
CA ILE D 8 8.30 -16.43 37.43
C ILE D 8 9.02 -16.31 36.10
N LEU D 9 8.42 -16.85 35.04
CA LEU D 9 9.05 -16.80 33.71
C LEU D 9 9.06 -15.39 33.13
N HIS D 10 8.05 -14.58 33.45
CA HIS D 10 8.03 -13.21 32.95
C HIS D 10 9.24 -12.43 33.42
N ASP D 11 9.46 -12.41 34.74
CA ASP D 11 10.59 -11.68 35.30
C ASP D 11 11.91 -12.21 34.76
N CYS D 12 11.98 -13.51 34.47
CA CYS D 12 13.21 -14.08 33.94
C CYS D 12 13.48 -13.53 32.54
N PHE D 13 12.48 -13.54 31.67
CA PHE D 13 12.69 -13.09 30.30
C PHE D 13 12.95 -11.59 30.24
N ASP D 14 12.37 -10.81 31.14
CA ASP D 14 12.72 -9.40 31.19
C ASP D 14 14.17 -9.21 31.63
N ALA D 15 14.60 -9.97 32.63
CA ALA D 15 15.97 -9.85 33.10
C ALA D 15 16.97 -10.27 32.02
N LEU D 16 16.61 -11.27 31.22
CA LEU D 16 17.50 -11.75 30.17
C LEU D 16 17.71 -10.71 29.06
N GLN D 17 16.83 -9.71 28.96
CA GLN D 17 17.03 -8.69 27.94
C GLN D 17 18.23 -7.80 28.23
N ARG D 18 18.66 -7.73 29.50
CA ARG D 18 19.81 -6.91 29.89
C ARG D 18 21.01 -7.76 30.29
N ALA D 19 21.13 -8.96 29.71
CA ALA D 19 22.13 -9.94 30.10
C ALA D 19 22.96 -10.34 28.89
N PRO D 20 23.92 -9.50 28.50
CA PRO D 20 24.78 -9.83 27.36
C PRO D 20 25.95 -10.75 27.69
N THR D 21 26.01 -11.30 28.90
CA THR D 21 27.08 -12.20 29.28
C THR D 21 26.49 -13.47 29.89
N ALA D 22 27.30 -14.53 29.90
CA ALA D 22 26.86 -15.78 30.53
C ALA D 22 26.61 -15.58 32.02
N GLU D 23 27.45 -14.77 32.68
CA GLU D 23 27.27 -14.51 34.10
C GLU D 23 26.00 -13.72 34.37
N ALA D 24 25.64 -12.79 33.48
CA ALA D 24 24.42 -12.02 33.68
C ALA D 24 23.16 -12.79 33.30
N ALA D 25 23.30 -13.84 32.48
CA ALA D 25 22.15 -14.58 31.97
C ALA D 25 21.81 -15.82 32.78
N PHE D 26 22.77 -16.41 33.49
CA PHE D 26 22.45 -17.63 34.22
C PHE D 26 21.54 -17.39 35.42
N PRO D 27 21.80 -16.42 36.30
CA PRO D 27 20.98 -16.27 37.52
C PRO D 27 19.49 -16.14 37.25
N PRO D 28 19.06 -15.35 36.24
CA PRO D 28 17.60 -15.33 35.97
C PRO D 28 17.03 -16.70 35.66
N ILE D 29 17.73 -17.49 34.85
CA ILE D 29 17.24 -18.82 34.50
C ILE D 29 17.24 -19.73 35.72
N ALA D 30 18.28 -19.66 36.54
CA ALA D 30 18.36 -20.50 37.74
C ALA D 30 17.30 -20.11 38.76
N ALA D 31 17.08 -18.80 38.94
CA ALA D 31 16.02 -18.36 39.84
C ALA D 31 14.66 -18.85 39.37
N ALA D 32 14.44 -18.86 38.05
CA ALA D 32 13.21 -19.43 37.53
C ALA D 32 13.15 -20.94 37.74
N ALA D 33 14.27 -21.62 37.51
CA ALA D 33 14.31 -23.06 37.78
C ALA D 33 14.06 -23.34 39.26
N ALA D 34 14.67 -22.56 40.14
CA ALA D 34 14.46 -22.74 41.58
C ALA D 34 13.00 -22.57 41.94
N ALA D 35 12.37 -21.51 41.41
CA ALA D 35 10.97 -21.23 41.74
C ALA D 35 10.01 -22.29 41.23
N LEU D 36 10.47 -23.19 40.35
CA LEU D 36 9.68 -24.33 39.92
C LEU D 36 10.00 -25.60 40.69
N GLY D 37 10.84 -25.50 41.72
CA GLY D 37 11.19 -26.64 42.54
C GLY D 37 12.48 -27.34 42.19
N PHE D 38 13.27 -26.78 41.26
CA PHE D 38 14.54 -27.38 40.83
C PHE D 38 15.68 -26.66 41.55
N ARG D 39 16.22 -27.32 42.57
CA ARG D 39 17.27 -26.70 43.37
C ARG D 39 18.53 -26.44 42.54
N TYR D 40 18.82 -27.32 41.59
CA TYR D 40 20.01 -27.21 40.77
C TYR D 40 19.64 -26.90 39.33
N CYS D 41 20.45 -26.08 38.68
CA CYS D 41 20.25 -25.69 37.29
C CYS D 41 21.62 -25.65 36.63
N VAL D 42 21.83 -26.51 35.63
CA VAL D 42 23.11 -26.67 34.97
C VAL D 42 22.91 -26.56 33.47
N TYR D 43 23.80 -25.82 32.80
CA TYR D 43 23.82 -25.75 31.35
C TYR D 43 25.18 -26.17 30.86
N GLY D 44 25.21 -27.17 29.98
CA GLY D 44 26.45 -27.65 29.39
C GLY D 44 26.45 -27.40 27.89
N LEU D 45 27.58 -26.92 27.39
CA LEU D 45 27.79 -26.72 25.96
C LEU D 45 28.89 -27.67 25.51
N ARG D 46 28.54 -28.59 24.61
CA ARG D 46 29.48 -29.55 24.07
C ARG D 46 29.77 -29.19 22.61
N ARG D 47 31.05 -29.10 22.26
CA ARG D 47 31.46 -28.67 20.94
C ARG D 47 31.83 -29.87 20.08
N THR D 48 31.53 -29.78 18.79
CA THR D 48 31.77 -30.90 17.88
C THR D 48 33.22 -30.96 17.42
N LEU D 49 33.84 -29.81 17.21
CA LEU D 49 35.17 -29.79 16.60
C LEU D 49 36.25 -30.52 17.39
N PRO D 50 36.35 -30.39 18.73
CA PRO D 50 37.47 -31.08 19.39
C PRO D 50 37.42 -32.59 19.24
N ARG D 53 38.69 -35.45 21.65
CA ARG D 53 38.09 -35.11 22.94
C ARG D 53 36.80 -34.32 22.74
N PRO D 54 35.84 -34.52 23.63
CA PRO D 54 34.61 -33.73 23.57
C PRO D 54 34.63 -32.57 24.55
N ASP D 55 34.86 -31.35 24.05
CA ASP D 55 34.93 -30.20 24.93
C ASP D 55 33.58 -29.94 25.59
N GLN D 57 31.77 -27.03 28.19
CA GLN D 57 31.67 -25.84 29.02
C GLN D 57 30.46 -25.99 29.94
N ILE D 58 30.69 -25.98 31.25
CA ILE D 58 29.65 -26.18 32.25
C ILE D 58 29.44 -24.89 33.02
N VAL D 59 28.19 -24.46 33.12
CA VAL D 59 27.78 -23.38 34.00
C VAL D 59 26.58 -23.88 34.80
N GLY D 60 26.57 -23.61 36.10
CA GLY D 60 25.47 -24.08 36.92
C GLY D 60 25.71 -23.81 38.39
N ASN D 61 24.64 -23.98 39.17
CA ASN D 61 24.71 -23.92 40.62
C ASN D 61 24.71 -25.32 41.24
N HIS D 62 25.22 -26.29 40.51
CA HIS D 62 25.42 -27.64 40.98
C HIS D 62 26.51 -27.65 42.05
N PRO D 63 26.63 -28.74 42.82
CA PRO D 63 27.72 -28.84 43.81
C PRO D 63 29.07 -28.93 43.11
N ARG D 64 30.06 -28.23 43.68
CA ARG D 64 31.40 -28.21 43.08
C ARG D 64 31.96 -29.62 42.95
N GLU D 65 31.84 -30.42 44.01
CA GLU D 65 32.45 -31.75 44.02
C GLU D 65 31.91 -32.63 42.90
N TRP D 66 30.64 -32.49 42.55
CA TRP D 66 30.11 -33.27 41.44
C TRP D 66 30.79 -32.89 40.13
N GLU D 67 31.00 -31.60 39.89
CA GLU D 67 31.70 -31.19 38.67
C GLU D 67 33.17 -31.59 38.72
N HIS D 68 33.76 -31.55 39.90
CA HIS D 68 35.16 -31.97 40.04
C HIS D 68 35.34 -33.44 39.71
N ARG D 69 34.38 -34.28 40.12
CA ARG D 69 34.41 -35.68 39.75
C ARG D 69 34.03 -35.90 38.30
N TYR D 70 33.10 -35.10 37.79
CA TYR D 70 32.73 -35.17 36.38
C TYR D 70 33.95 -34.97 35.49
N VAL D 71 34.84 -34.06 35.87
CA VAL D 71 36.02 -33.76 35.07
C VAL D 71 37.14 -34.74 35.38
N LYS D 72 37.33 -35.06 36.66
CA LYS D 72 38.40 -35.99 37.04
C LYS D 72 38.21 -37.37 36.42
N PHE D 73 36.97 -37.79 36.17
CA PHE D 73 36.72 -39.14 35.68
C PHE D 73 36.29 -39.18 34.22
N GLY D 74 36.29 -38.05 33.51
CA GLY D 74 35.94 -38.04 32.10
C GLY D 74 34.51 -38.47 31.83
N TYR D 75 33.56 -38.02 32.65
CA TYR D 75 32.18 -38.45 32.46
C TYR D 75 31.59 -37.95 31.14
N VAL D 76 32.16 -36.90 30.56
CA VAL D 76 31.67 -36.39 29.29
C VAL D 76 31.74 -37.45 28.19
N THR D 77 32.67 -38.41 28.33
CA THR D 77 32.78 -39.50 27.37
C THR D 77 31.66 -40.52 27.51
N ILE D 78 31.08 -40.65 28.70
CA ILE D 78 30.14 -41.72 29.00
C ILE D 78 28.80 -41.22 29.52
N ASP D 79 28.58 -39.92 29.57
CA ASP D 79 27.37 -39.34 30.18
C ASP D 79 26.11 -39.91 29.53
N PRO D 80 25.25 -40.60 30.29
CA PRO D 80 24.04 -41.19 29.71
C PRO D 80 22.93 -40.18 29.46
N ILE D 81 22.89 -39.10 30.25
CA ILE D 81 21.92 -38.03 30.01
C ILE D 81 22.13 -37.45 28.62
N ILE D 82 23.38 -37.11 28.29
CA ILE D 82 23.66 -36.46 27.01
C ILE D 82 23.42 -37.42 25.85
N LYS D 83 23.80 -38.69 26.01
CA LYS D 83 23.49 -39.70 25.01
C LYS D 83 22.01 -39.65 24.62
N ARG D 84 21.12 -39.66 25.61
CA ARG D 84 19.70 -39.63 25.33
C ARG D 84 19.22 -38.26 24.87
N VAL D 85 19.83 -37.19 25.39
CA VAL D 85 19.41 -35.85 25.00
C VAL D 85 19.80 -35.56 23.55
N ALA D 86 20.98 -36.00 23.14
CA ALA D 86 21.46 -35.76 21.79
C ALA D 86 20.81 -36.67 20.76
N SER D 87 20.17 -37.76 21.19
CA SER D 87 19.55 -38.71 20.27
C SER D 87 18.11 -38.35 19.91
N GLN D 88 17.47 -37.49 20.69
CA GLN D 88 16.07 -37.14 20.47
C GLN D 88 15.86 -35.65 20.68
N PRO D 89 14.75 -35.08 20.22
CA PRO D 89 14.53 -33.63 20.40
C PRO D 89 13.64 -33.30 21.59
N ARG D 90 13.07 -34.31 22.22
CA ARG D 90 12.18 -34.03 23.34
C ARG D 90 12.95 -34.08 24.66
N PRO D 91 12.41 -33.46 25.72
CA PRO D 91 13.10 -33.49 27.01
C PRO D 91 13.24 -34.91 27.55
N VAL D 92 14.14 -35.04 28.51
CA VAL D 92 14.42 -36.32 29.16
C VAL D 92 14.24 -36.12 30.66
N VAL D 93 13.31 -36.86 31.25
CA VAL D 93 13.08 -36.86 32.69
C VAL D 93 13.74 -38.10 33.26
N TRP D 94 14.71 -37.92 34.15
CA TRP D 94 15.54 -39.02 34.62
C TRP D 94 15.58 -39.07 36.14
N ASN D 95 15.90 -40.25 36.64
CA ASN D 95 15.96 -40.55 38.07
C ASN D 95 17.24 -41.32 38.32
N ALA D 96 18.13 -40.76 39.15
CA ALA D 96 19.46 -41.35 39.31
C ALA D 96 19.43 -42.80 39.78
N PHE D 97 18.30 -43.28 40.29
CA PHE D 97 18.28 -44.59 40.91
C PHE D 97 17.76 -45.70 40.01
N ASP D 98 17.16 -45.38 38.87
CA ASP D 98 16.71 -46.41 37.94
C ASP D 98 16.84 -45.91 36.51
N GLU D 99 18.01 -45.39 36.15
CA GLU D 99 18.27 -45.01 34.77
C GLU D 99 19.48 -45.75 34.24
N PRO D 100 19.38 -46.39 33.07
CA PRO D 100 20.52 -47.10 32.51
C PRO D 100 21.69 -46.16 32.28
N GLY D 101 22.89 -46.73 32.34
CA GLY D 101 24.10 -45.92 32.24
C GLY D 101 25.14 -46.36 33.25
N ASP D 102 26.31 -45.72 33.22
CA ASP D 102 27.41 -46.14 34.08
C ASP D 102 27.02 -46.02 35.55
N THR D 103 27.20 -47.11 36.29
CA THR D 103 26.82 -47.13 37.71
C THR D 103 27.54 -46.03 38.48
N ALA D 104 28.84 -45.86 38.25
CA ALA D 104 29.59 -44.81 38.94
C ALA D 104 28.99 -43.44 38.66
N PHE D 105 28.72 -43.15 37.38
CA PHE D 105 28.12 -41.87 37.01
C PHE D 105 26.91 -41.55 37.87
N TRP D 106 26.03 -42.53 38.04
CA TRP D 106 24.79 -42.27 38.78
C TRP D 106 25.02 -42.26 40.29
N HIS D 107 25.98 -43.06 40.79
CA HIS D 107 26.25 -43.02 42.22
C HIS D 107 26.82 -41.67 42.64
N ASP D 108 27.72 -41.10 41.82
CA ASP D 108 28.24 -39.77 42.10
C ASP D 108 27.15 -38.72 41.96
N ALA D 109 26.29 -38.84 40.95
CA ALA D 109 25.17 -37.91 40.81
C ALA D 109 24.23 -38.00 41.99
N ALA D 110 23.97 -39.21 42.47
CA ALA D 110 22.99 -39.38 43.54
C ALA D 110 23.48 -38.79 44.85
N CYS D 111 24.75 -38.99 45.19
CA CYS D 111 25.22 -38.63 46.51
C CYS D 111 25.42 -37.12 46.68
N PHE D 112 25.32 -36.34 45.61
CA PHE D 112 25.41 -34.89 45.72
C PHE D 112 24.07 -34.20 45.54
N GLY D 113 22.99 -34.96 45.37
CA GLY D 113 21.66 -34.39 45.21
C GLY D 113 21.18 -34.30 43.78
N ARG D 115 19.62 -35.94 41.67
CA ARG D 115 18.87 -37.19 41.75
C ARG D 115 17.67 -37.27 40.83
N TYR D 116 16.87 -36.21 40.73
CA TYR D 116 15.65 -36.22 39.94
C TYR D 116 15.72 -35.04 38.97
N GLY D 117 15.85 -35.34 37.68
CA GLY D 117 16.32 -34.35 36.73
C GLY D 117 15.42 -34.21 35.52
N TRP D 118 15.47 -33.01 34.93
CA TRP D 118 14.81 -32.68 33.67
C TRP D 118 15.88 -32.10 32.76
N SER D 119 16.09 -32.72 31.60
CA SER D 119 17.15 -32.30 30.70
C SER D 119 16.61 -32.13 29.29
N HIS D 120 17.11 -31.11 28.60
CA HIS D 120 16.76 -30.86 27.20
C HIS D 120 17.97 -30.31 26.48
N GLY D 121 18.16 -30.76 25.24
CA GLY D 121 19.30 -30.36 24.44
C GLY D 121 18.90 -29.58 23.20
N GLY D 122 19.65 -28.53 22.90
CA GLY D 122 19.41 -27.72 21.74
C GLY D 122 20.68 -27.55 20.93
N TYR D 123 20.49 -27.19 19.65
CA TYR D 123 21.59 -27.02 18.72
C TYR D 123 21.59 -25.59 18.17
N ASP D 124 22.79 -25.07 17.93
CA ASP D 124 22.95 -23.82 17.20
C ASP D 124 23.24 -24.14 15.74
N ARG D 125 23.41 -23.08 14.93
CA ARG D 125 23.72 -23.28 13.52
C ARG D 125 25.05 -23.99 13.33
N ALA D 126 26.02 -23.74 14.22
CA ALA D 126 27.33 -24.39 14.11
C ALA D 126 27.25 -25.88 14.38
N GLY D 127 26.17 -26.37 15.00
CA GLY D 127 26.03 -27.78 15.29
C GLY D 127 26.36 -28.17 16.71
N ASN D 128 26.82 -27.23 17.54
CA ASN D 128 27.10 -27.55 18.93
C ASN D 128 25.83 -27.93 19.66
N LEU D 129 25.98 -28.72 20.72
CA LEU D 129 24.88 -29.17 21.55
C LEU D 129 24.92 -28.46 22.89
N GLY D 130 23.82 -27.82 23.26
CA GLY D 130 23.66 -27.22 24.56
C GLY D 130 22.58 -27.94 25.35
N VAL D 131 22.93 -28.36 26.56
CA VAL D 131 22.04 -29.14 27.39
C VAL D 131 21.69 -28.33 28.62
N LEU D 132 20.40 -28.03 28.77
CA LEU D 132 19.87 -27.49 30.03
C LEU D 132 19.43 -28.65 30.90
N THR D 133 19.89 -28.68 32.14
CA THR D 133 19.55 -29.76 33.07
C THR D 133 19.01 -29.14 34.35
N LEU D 134 17.77 -29.49 34.68
CA LEU D 134 17.11 -29.02 35.90
C LEU D 134 16.95 -30.22 36.82
N VAL D 135 17.53 -30.12 38.02
CA VAL D 135 17.57 -31.26 38.93
C VAL D 135 17.09 -30.83 40.31
N ARG D 136 16.41 -31.76 40.99
CA ARG D 136 16.03 -31.56 42.38
C ARG D 136 16.35 -32.83 43.15
N ASP D 137 16.64 -32.67 44.45
CA ASP D 137 17.00 -33.77 45.32
C ASP D 137 15.85 -34.23 46.21
N THR D 138 14.66 -33.67 46.05
CA THR D 138 13.59 -33.98 46.99
C THR D 138 12.90 -35.30 46.63
N THR D 139 12.12 -35.30 45.54
CA THR D 139 11.30 -36.43 45.14
C THR D 139 11.35 -36.61 43.64
N PRO D 140 11.13 -37.84 43.16
CA PRO D 140 11.03 -38.08 41.71
C PRO D 140 9.86 -37.32 41.11
N LEU D 141 9.87 -37.23 39.77
CA LEU D 141 8.86 -36.49 39.03
C LEU D 141 7.78 -37.46 38.55
N ASP D 142 6.60 -37.40 39.15
CA ASP D 142 5.49 -38.23 38.73
C ASP D 142 4.81 -37.64 37.50
N ALA D 143 3.97 -38.45 36.86
CA ALA D 143 3.40 -38.08 35.57
C ALA D 143 2.55 -36.81 35.65
N ASP D 144 1.93 -36.56 36.81
CA ASP D 144 1.05 -35.40 36.92
C ASP D 144 1.83 -34.09 36.97
N GLU D 145 2.87 -34.04 37.80
CA GLU D 145 3.64 -32.79 37.89
C GLU D 145 4.47 -32.56 36.64
N ILE D 146 4.83 -33.63 35.92
CA ILE D 146 5.50 -33.46 34.64
C ILE D 146 4.61 -32.70 33.66
N SER D 147 3.32 -33.05 33.61
CA SER D 147 2.42 -32.46 32.62
C SER D 147 2.33 -30.95 32.76
N ARG D 148 2.20 -30.46 33.99
CA ARG D 148 2.12 -29.02 34.22
C ARG D 148 3.47 -28.39 34.45
N LEU D 149 4.56 -29.10 34.14
CA LEU D 149 5.89 -28.51 34.10
C LEU D 149 6.44 -28.39 32.70
N ARG D 150 5.81 -29.04 31.73
CA ARG D 150 6.31 -29.04 30.35
C ARG D 150 6.32 -27.63 29.78
N ALA D 151 5.20 -26.93 29.82
CA ALA D 151 5.15 -25.57 29.31
C ALA D 151 6.12 -24.63 30.01
N PRO D 152 6.20 -24.59 31.35
CA PRO D 152 7.25 -23.75 31.97
C PRO D 152 8.66 -24.18 31.60
N CYS D 153 8.95 -25.48 31.68
CA CYS D 153 10.30 -25.95 31.38
C CYS D 153 10.66 -25.75 29.90
N ALA D 154 9.69 -25.90 29.00
CA ALA D 154 9.92 -25.57 27.61
C ALA D 154 10.33 -24.11 27.46
N SER D 155 9.69 -23.23 28.23
CA SER D 155 10.04 -21.82 28.22
C SER D 155 11.48 -21.60 28.67
N LEU D 156 11.92 -22.35 29.69
CA LEU D 156 13.28 -22.17 30.20
C LEU D 156 14.32 -22.78 29.25
N SER D 157 14.04 -23.96 28.71
CA SER D 157 14.93 -24.55 27.71
C SER D 157 15.18 -23.58 26.57
N HIS D 158 14.11 -22.93 26.09
CA HIS D 158 14.23 -21.93 25.03
C HIS D 158 15.14 -20.79 25.45
N ALA D 159 14.88 -20.21 26.63
CA ALA D 159 15.69 -19.10 27.12
C ALA D 159 17.15 -19.51 27.29
N ALA D 160 17.40 -20.72 27.80
CA ALA D 160 18.77 -21.17 27.99
C ALA D 160 19.48 -21.34 26.65
N HIS D 161 18.77 -21.80 25.64
CA HIS D 161 19.40 -22.01 24.34
C HIS D 161 19.57 -20.70 23.57
N ALA D 162 18.72 -19.71 23.85
CA ALA D 162 18.77 -18.43 23.13
C ALA D 162 19.61 -17.38 23.82
N TYR D 163 19.65 -17.36 25.15
CA TYR D 163 20.32 -16.31 25.90
C TYR D 163 21.56 -16.78 26.64
N LEU D 164 21.80 -18.09 26.71
CA LEU D 164 22.91 -18.61 27.50
C LEU D 164 23.92 -19.38 26.65
N PRO D 166 24.72 -19.08 23.41
CA PRO D 166 25.60 -18.21 22.61
C PRO D 166 26.70 -17.56 23.43
N ARG D 167 26.47 -17.28 24.73
CA ARG D 167 27.50 -16.62 25.52
C ARG D 167 28.62 -17.57 25.89
N LEU D 168 28.36 -18.89 25.89
CA LEU D 168 29.42 -19.85 26.15
C LEU D 168 30.18 -20.21 24.89
N ALA D 169 29.69 -19.83 23.72
CA ALA D 169 30.16 -20.48 22.50
C ALA D 169 31.43 -19.83 21.96
N ASP D 170 31.45 -18.51 21.88
CA ASP D 170 32.54 -17.81 21.21
C ASP D 170 33.87 -18.00 21.95
N ASN E 2 -23.27 24.62 -6.84
CA ASN E 2 -23.59 25.99 -6.45
C ASN E 2 -25.08 26.12 -6.21
N ALA E 3 -25.80 26.71 -7.17
CA ALA E 3 -27.25 26.73 -7.10
C ALA E 3 -27.82 25.32 -6.93
N ASP E 5 -26.06 22.88 -5.26
CA ASP E 5 -25.71 22.57 -3.88
C ASP E 5 -26.84 22.93 -2.92
N LEU E 6 -27.47 24.08 -3.15
CA LEU E 6 -28.60 24.48 -2.31
C LEU E 6 -29.83 23.64 -2.62
N THR E 7 -30.04 23.31 -3.89
CA THR E 7 -31.17 22.45 -4.27
C THR E 7 -30.98 21.04 -3.76
N ILE E 8 -29.74 20.53 -3.80
CA ILE E 8 -29.45 19.16 -3.37
C ILE E 8 -29.80 18.97 -1.91
N LEU E 9 -29.41 19.92 -1.06
CA LEU E 9 -29.69 19.80 0.37
C LEU E 9 -31.16 20.04 0.69
N HIS E 10 -31.84 20.90 -0.07
CA HIS E 10 -33.26 21.12 0.18
C HIS E 10 -34.05 19.83 -0.01
N ASP E 11 -33.83 19.15 -1.14
CA ASP E 11 -34.52 17.87 -1.37
C ASP E 11 -34.16 16.86 -0.30
N CYS E 12 -32.91 16.89 0.17
CA CYS E 12 -32.49 15.95 1.21
C CYS E 12 -33.20 16.22 2.53
N PHE E 13 -33.32 17.50 2.91
CA PHE E 13 -33.94 17.81 4.19
C PHE E 13 -35.44 17.56 4.17
N ASP E 14 -36.09 17.81 3.02
CA ASP E 14 -37.51 17.51 2.91
C ASP E 14 -37.76 16.00 3.03
N ALA E 15 -36.85 15.19 2.49
CA ALA E 15 -37.01 13.74 2.62
C ALA E 15 -36.80 13.29 4.06
N LEU E 16 -35.84 13.90 4.76
CA LEU E 16 -35.54 13.50 6.13
C LEU E 16 -36.68 13.81 7.09
N GLN E 17 -37.62 14.67 6.68
CA GLN E 17 -38.72 15.01 7.58
C GLN E 17 -39.62 13.82 7.88
N ARG E 18 -39.78 12.90 6.93
CA ARG E 18 -40.70 11.78 7.07
C ARG E 18 -39.99 10.46 7.35
N ALA E 19 -38.67 10.42 7.30
CA ALA E 19 -37.92 9.18 7.52
C ALA E 19 -38.03 8.73 8.97
N PRO E 20 -38.72 7.63 9.26
CA PRO E 20 -38.90 7.18 10.65
C PRO E 20 -37.91 6.12 11.10
N THR E 21 -37.06 5.63 10.21
CA THR E 21 -36.13 4.56 10.54
C THR E 21 -34.74 4.94 10.03
N ALA E 22 -33.73 4.27 10.60
CA ALA E 22 -32.37 4.44 10.10
C ALA E 22 -32.26 4.02 8.63
N GLU E 23 -33.04 3.01 8.23
CA GLU E 23 -33.04 2.58 6.84
C GLU E 23 -33.66 3.63 5.92
N ALA E 24 -34.57 4.45 6.44
CA ALA E 24 -35.18 5.50 5.65
C ALA E 24 -34.39 6.81 5.70
N ALA E 25 -33.65 7.05 6.78
CA ALA E 25 -32.94 8.32 6.90
C ALA E 25 -31.63 8.32 6.11
N PHE E 26 -31.00 7.16 5.94
CA PHE E 26 -29.69 7.17 5.29
C PHE E 26 -29.74 7.48 3.80
N PRO E 27 -30.64 6.89 2.98
CA PRO E 27 -30.56 7.09 1.52
C PRO E 27 -30.56 8.55 1.09
N PRO E 28 -31.43 9.42 1.66
CA PRO E 28 -31.39 10.83 1.23
C PRO E 28 -30.08 11.54 1.60
N ILE E 29 -29.47 11.19 2.74
CA ILE E 29 -28.19 11.78 3.09
C ILE E 29 -27.10 11.33 2.14
N ALA E 30 -27.10 10.05 1.77
CA ALA E 30 -26.09 9.55 0.84
C ALA E 30 -26.29 10.13 -0.55
N ALA E 31 -27.55 10.28 -0.99
CA ALA E 31 -27.81 10.85 -2.31
C ALA E 31 -27.36 12.30 -2.37
N ALA E 32 -27.52 13.04 -1.26
CA ALA E 32 -27.03 14.41 -1.21
C ALA E 32 -25.50 14.44 -1.29
N ALA E 33 -24.84 13.57 -0.52
CA ALA E 33 -23.38 13.49 -0.59
C ALA E 33 -22.91 13.05 -1.96
N ALA E 34 -23.68 12.21 -2.64
CA ALA E 34 -23.31 11.77 -3.98
C ALA E 34 -23.31 12.94 -4.96
N ALA E 35 -24.37 13.75 -4.93
CA ALA E 35 -24.44 14.92 -5.80
C ALA E 35 -23.38 15.96 -5.46
N LEU E 36 -22.84 15.93 -4.24
CA LEU E 36 -21.74 16.82 -3.89
C LEU E 36 -20.40 16.31 -4.37
N GLY E 37 -20.33 15.10 -4.93
CA GLY E 37 -19.09 14.54 -5.44
C GLY E 37 -18.55 13.38 -4.65
N PHE E 38 -19.14 13.02 -3.51
CA PHE E 38 -18.62 11.97 -2.65
C PHE E 38 -19.20 10.62 -3.06
N ARG E 39 -18.33 9.73 -3.56
CA ARG E 39 -18.76 8.40 -3.96
C ARG E 39 -19.34 7.63 -2.78
N TYR E 40 -18.65 7.63 -1.64
CA TYR E 40 -19.04 6.84 -0.49
C TYR E 40 -19.48 7.73 0.67
N CYS E 41 -20.52 7.29 1.38
CA CYS E 41 -21.07 8.00 2.53
C CYS E 41 -21.23 6.99 3.66
N VAL E 42 -20.50 7.21 4.76
CA VAL E 42 -20.48 6.28 5.89
C VAL E 42 -20.88 7.05 7.14
N TYR E 43 -21.71 6.42 7.97
CA TYR E 43 -22.07 6.97 9.27
C TYR E 43 -21.88 5.91 10.34
N GLY E 44 -21.17 6.26 11.40
CA GLY E 44 -20.90 5.34 12.48
C GLY E 44 -21.28 5.92 13.83
N LEU E 45 -21.80 5.07 14.70
CA LEU E 45 -22.25 5.46 16.03
C LEU E 45 -21.52 4.63 17.08
N ARG E 46 -20.71 5.28 17.90
CA ARG E 46 -19.98 4.63 18.99
C ARG E 46 -20.72 4.91 20.28
N ARG E 47 -21.27 3.87 20.90
CA ARG E 47 -22.11 4.05 22.07
C ARG E 47 -21.27 4.21 23.33
N THR E 48 -21.82 4.96 24.29
CA THR E 48 -21.13 5.26 25.53
C THR E 48 -21.22 4.06 26.48
N PRO E 54 -15.65 -0.13 23.59
CA PRO E 54 -16.73 0.51 22.84
C PRO E 54 -16.87 -0.02 21.42
N ASP E 55 -18.00 -0.65 21.11
CA ASP E 55 -18.28 -1.15 19.77
C ASP E 55 -19.12 -0.15 19.00
N GLN E 57 -21.65 0.90 15.60
CA GLN E 57 -22.60 0.53 14.57
C GLN E 57 -22.32 1.35 13.30
N ILE E 58 -22.18 0.67 12.17
CA ILE E 58 -21.78 1.29 10.92
C ILE E 58 -22.88 1.08 9.90
N VAL E 59 -23.29 2.16 9.25
CA VAL E 59 -24.20 2.12 8.11
C VAL E 59 -23.61 3.02 7.01
N GLY E 60 -23.63 2.53 5.78
CA GLY E 60 -23.08 3.29 4.68
C GLY E 60 -23.22 2.52 3.39
N ASN E 61 -22.85 3.20 2.30
CA ASN E 61 -22.73 2.57 0.99
C ASN E 61 -21.29 2.24 0.64
N HIS E 62 -20.44 2.09 1.65
CA HIS E 62 -19.04 1.76 1.48
C HIS E 62 -18.89 0.36 0.87
N PRO E 63 -17.71 0.04 0.34
CA PRO E 63 -17.46 -1.34 -0.08
C PRO E 63 -17.51 -2.29 1.11
N ARG E 64 -18.44 -3.24 1.06
CA ARG E 64 -18.61 -4.18 2.16
C ARG E 64 -17.32 -4.95 2.44
N GLU E 65 -16.45 -5.08 1.44
CA GLU E 65 -15.14 -5.66 1.69
C GLU E 65 -14.36 -4.82 2.69
N TRP E 66 -14.50 -3.50 2.64
CA TRP E 66 -13.73 -2.64 3.54
C TRP E 66 -14.25 -2.75 4.97
N GLU E 67 -15.57 -2.80 5.16
CA GLU E 67 -16.10 -2.99 6.51
C GLU E 67 -15.71 -4.34 7.07
N HIS E 68 -15.64 -5.36 6.21
CA HIS E 68 -15.23 -6.68 6.65
C HIS E 68 -13.84 -6.65 7.27
N ARG E 69 -12.90 -5.93 6.65
CA ARG E 69 -11.56 -5.81 7.22
C ARG E 69 -11.56 -4.89 8.44
N TYR E 70 -12.39 -3.84 8.43
CA TYR E 70 -12.48 -2.96 9.59
C TYR E 70 -12.85 -3.75 10.85
N VAL E 71 -13.76 -4.71 10.71
CA VAL E 71 -14.19 -5.51 11.85
C VAL E 71 -13.19 -6.61 12.15
N LYS E 72 -12.69 -7.29 11.11
CA LYS E 72 -11.77 -8.41 11.32
C LYS E 72 -10.47 -7.96 11.97
N PHE E 73 -9.98 -6.78 11.61
CA PHE E 73 -8.73 -6.24 12.13
C PHE E 73 -8.93 -5.40 13.40
N GLY E 74 -10.17 -5.22 13.84
CA GLY E 74 -10.44 -4.46 15.05
C GLY E 74 -10.07 -3.00 14.97
N TYR E 75 -10.33 -2.34 13.85
CA TYR E 75 -9.92 -0.94 13.67
C TYR E 75 -10.70 0.02 14.56
N VAL E 76 -11.82 -0.41 15.15
CA VAL E 76 -12.58 0.50 16.00
C VAL E 76 -11.75 0.93 17.20
N THR E 77 -10.84 0.08 17.67
CA THR E 77 -10.04 0.41 18.84
C THR E 77 -8.90 1.38 18.52
N ILE E 78 -8.58 1.60 17.24
CA ILE E 78 -7.41 2.40 16.88
C ILE E 78 -7.73 3.33 15.72
N ASP E 79 -9.01 3.53 15.42
CA ASP E 79 -9.43 4.30 14.25
C ASP E 79 -8.87 5.72 14.32
N PRO E 80 -8.02 6.12 13.38
CA PRO E 80 -7.43 7.47 13.45
C PRO E 80 -8.42 8.56 13.17
N ILE E 81 -9.45 8.28 12.37
CA ILE E 81 -10.47 9.28 12.08
C ILE E 81 -11.33 9.54 13.31
N ILE E 82 -11.83 8.47 13.93
CA ILE E 82 -12.65 8.59 15.13
C ILE E 82 -11.89 9.35 16.21
N LYS E 83 -10.59 9.08 16.35
CA LYS E 83 -9.80 9.77 17.37
C LYS E 83 -9.74 11.27 17.10
N ARG E 84 -9.66 11.66 15.84
CA ARG E 84 -9.50 13.08 15.53
C ARG E 84 -10.82 13.82 15.52
N VAL E 85 -11.93 13.17 15.18
CA VAL E 85 -13.23 13.84 15.24
C VAL E 85 -13.81 13.84 16.65
N ALA E 86 -13.32 12.98 17.53
CA ALA E 86 -13.69 13.00 18.93
C ALA E 86 -12.88 14.00 19.74
N SER E 87 -11.67 14.33 19.28
CA SER E 87 -10.84 15.29 20.01
C SER E 87 -11.40 16.70 19.90
N GLN E 88 -12.02 17.02 18.76
CA GLN E 88 -12.36 18.39 18.43
C GLN E 88 -13.74 18.49 17.81
N PRO E 89 -14.31 19.70 17.70
CA PRO E 89 -15.62 19.87 17.08
C PRO E 89 -15.63 20.17 15.59
N ARG E 90 -14.47 20.33 14.95
CA ARG E 90 -14.44 20.70 13.54
C ARG E 90 -14.29 19.47 12.65
N PRO E 91 -14.68 19.58 11.38
CA PRO E 91 -14.51 18.44 10.47
C PRO E 91 -13.05 18.17 10.17
N VAL E 92 -12.77 16.92 9.79
CA VAL E 92 -11.44 16.45 9.48
C VAL E 92 -11.41 16.04 8.01
N VAL E 93 -10.51 16.65 7.24
CA VAL E 93 -10.28 16.28 5.85
C VAL E 93 -9.00 15.45 5.80
N TRP E 94 -9.07 14.29 5.15
CA TRP E 94 -7.95 13.37 5.17
C TRP E 94 -7.69 12.77 3.79
N ASN E 95 -6.43 12.45 3.56
CA ASN E 95 -5.96 11.80 2.33
C ASN E 95 -5.30 10.49 2.72
N ALA E 96 -5.91 9.37 2.30
CA ALA E 96 -5.42 8.06 2.70
C ALA E 96 -3.96 7.82 2.31
N PHE E 97 -3.43 8.58 1.35
CA PHE E 97 -2.04 8.43 0.92
C PHE E 97 -1.09 9.40 1.59
N ASP E 98 -1.56 10.21 2.54
CA ASP E 98 -0.71 11.25 3.13
C ASP E 98 -1.01 11.44 4.61
N GLU E 99 -1.49 10.41 5.29
CA GLU E 99 -1.69 10.57 6.72
C GLU E 99 -0.59 9.88 7.50
N PRO E 100 -0.19 10.44 8.65
CA PRO E 100 0.92 9.85 9.42
C PRO E 100 0.46 8.75 10.37
N GLY E 101 1.25 7.67 10.38
CA GLY E 101 0.95 6.54 11.24
C GLY E 101 -0.22 5.73 10.72
N ASP E 102 -0.55 4.69 11.50
CA ASP E 102 -1.66 3.78 11.20
C ASP E 102 -1.60 3.29 9.76
N THR E 103 -0.39 2.89 9.34
CA THR E 103 -0.14 2.56 7.94
C THR E 103 -1.14 1.54 7.42
N ALA E 104 -1.41 0.49 8.21
CA ALA E 104 -2.34 -0.56 7.77
C ALA E 104 -3.74 0.00 7.57
N PHE E 105 -4.21 0.84 8.48
CA PHE E 105 -5.54 1.41 8.36
C PHE E 105 -5.70 2.17 7.05
N TRP E 106 -4.81 3.14 6.80
CA TRP E 106 -4.90 3.93 5.58
C TRP E 106 -4.61 3.10 4.34
N HIS E 107 -3.81 2.04 4.49
CA HIS E 107 -3.59 1.13 3.36
C HIS E 107 -4.89 0.44 2.97
N ASP E 108 -5.60 -0.11 3.96
CA ASP E 108 -6.86 -0.80 3.68
C ASP E 108 -7.90 0.16 3.12
N ALA E 109 -7.93 1.40 3.63
CA ALA E 109 -8.85 2.39 3.09
C ALA E 109 -8.54 2.71 1.63
N ALA E 110 -7.26 2.93 1.32
CA ALA E 110 -6.88 3.28 -0.04
C ALA E 110 -7.14 2.15 -1.02
N CYS E 111 -7.02 0.90 -0.58
CA CYS E 111 -7.21 -0.23 -1.48
C CYS E 111 -8.63 -0.37 -1.97
N PHE E 112 -9.57 0.41 -1.43
CA PHE E 112 -10.98 0.29 -1.81
C PHE E 112 -11.58 1.62 -2.23
N GLY E 113 -10.74 2.62 -2.53
CA GLY E 113 -11.21 3.92 -2.93
C GLY E 113 -11.52 4.87 -1.80
N ARG E 115 -10.25 7.09 -0.15
CA ARG E 115 -8.95 7.74 -0.30
C ARG E 115 -8.94 9.20 0.14
N TYR E 116 -9.96 9.97 -0.20
CA TYR E 116 -10.01 11.39 0.14
C TYR E 116 -11.36 11.65 0.80
N GLY E 117 -11.35 11.92 2.11
CA GLY E 117 -12.55 11.87 2.89
C GLY E 117 -12.77 13.11 3.74
N TRP E 118 -14.03 13.30 4.12
CA TRP E 118 -14.49 14.39 4.97
C TRP E 118 -15.26 13.75 6.12
N SER E 119 -14.79 13.97 7.35
CA SER E 119 -15.38 13.33 8.51
C SER E 119 -15.69 14.36 9.58
N HIS E 120 -16.89 14.28 10.15
CA HIS E 120 -17.28 15.15 11.25
C HIS E 120 -17.98 14.33 12.32
N GLY E 121 -17.69 14.64 13.58
CA GLY E 121 -18.26 13.93 14.70
C GLY E 121 -19.16 14.77 15.59
N GLY E 122 -20.36 14.29 15.87
CA GLY E 122 -21.30 14.97 16.74
C GLY E 122 -21.62 14.13 17.96
N TYR E 123 -22.23 14.78 18.96
CA TYR E 123 -22.62 14.12 20.19
C TYR E 123 -24.11 14.32 20.43
N ASP E 124 -24.67 13.44 21.26
CA ASP E 124 -26.07 13.52 21.65
C ASP E 124 -26.16 13.64 23.18
N ARG E 125 -27.40 13.69 23.66
CA ARG E 125 -27.65 13.92 25.08
C ARG E 125 -26.97 12.88 25.96
N ALA E 126 -26.99 11.61 25.55
CA ALA E 126 -26.38 10.57 26.35
C ALA E 126 -24.85 10.70 26.38
N GLY E 127 -24.24 11.05 25.25
CA GLY E 127 -22.81 11.19 25.17
C GLY E 127 -22.21 10.31 24.10
N ASN E 128 -23.05 9.70 23.27
CA ASN E 128 -22.54 8.88 22.19
C ASN E 128 -21.92 9.75 21.11
N LEU E 129 -20.99 9.16 20.36
CA LEU E 129 -20.34 9.85 19.26
C LEU E 129 -20.90 9.31 17.95
N GLY E 130 -21.25 10.22 17.04
CA GLY E 130 -21.66 9.82 15.71
C GLY E 130 -20.79 10.52 14.69
N VAL E 131 -20.33 9.78 13.68
CA VAL E 131 -19.36 10.31 12.72
C VAL E 131 -19.92 10.13 11.33
N LEU E 132 -20.21 11.23 10.64
CA LEU E 132 -20.50 11.22 9.23
C LEU E 132 -19.18 11.29 8.46
N THR E 133 -18.99 10.37 7.53
CA THR E 133 -17.79 10.34 6.69
C THR E 133 -18.20 10.33 5.23
N LEU E 134 -17.65 11.27 4.46
CA LEU E 134 -17.91 11.38 3.04
C LEU E 134 -16.58 11.24 2.30
N VAL E 135 -16.47 10.25 1.42
CA VAL E 135 -15.19 9.93 0.80
C VAL E 135 -15.32 9.96 -0.72
N ARG E 136 -14.28 10.46 -1.38
CA ARG E 136 -14.12 10.40 -2.82
C ARG E 136 -12.94 9.48 -3.16
N ASP E 137 -13.01 8.84 -4.33
CA ASP E 137 -11.93 8.01 -4.82
C ASP E 137 -11.12 8.65 -5.93
N THR E 138 -11.57 9.77 -6.49
CA THR E 138 -10.97 10.24 -7.74
C THR E 138 -9.77 11.15 -7.49
N THR E 139 -9.96 12.20 -6.69
CA THR E 139 -8.97 13.25 -6.57
C THR E 139 -9.00 13.82 -5.16
N PRO E 140 -7.86 14.27 -4.63
CA PRO E 140 -7.84 14.85 -3.28
C PRO E 140 -8.61 16.16 -3.23
N LEU E 141 -8.70 16.70 -2.01
CA LEU E 141 -9.47 17.91 -1.73
C LEU E 141 -8.52 19.11 -1.64
N ASP E 142 -8.53 19.96 -2.66
CA ASP E 142 -7.73 21.17 -2.61
C ASP E 142 -8.40 22.22 -1.73
N ALA E 143 -7.62 23.24 -1.37
CA ALA E 143 -8.09 24.23 -0.41
C ALA E 143 -9.28 25.01 -0.95
N ASP E 144 -9.26 25.34 -2.24
CA ASP E 144 -10.31 26.17 -2.83
C ASP E 144 -11.64 25.44 -2.92
N GLU E 145 -11.62 24.12 -3.08
CA GLU E 145 -12.89 23.40 -3.11
C GLU E 145 -13.36 23.02 -1.72
N ILE E 146 -12.44 22.89 -0.77
CA ILE E 146 -12.83 22.74 0.63
C ILE E 146 -13.60 23.98 1.09
N SER E 147 -13.09 25.16 0.74
CA SER E 147 -13.80 26.40 1.07
C SER E 147 -15.21 26.41 0.50
N ARG E 148 -15.37 25.91 -0.74
CA ARG E 148 -16.66 25.88 -1.39
C ARG E 148 -17.58 24.76 -0.90
N LEU E 149 -17.02 23.78 -0.18
CA LEU E 149 -17.79 22.63 0.28
C LEU E 149 -18.14 22.67 1.75
N ARG E 150 -17.61 23.64 2.50
CA ARG E 150 -17.79 23.64 3.95
C ARG E 150 -19.25 23.84 4.32
N ALA E 151 -19.90 24.85 3.74
CA ALA E 151 -21.30 25.10 4.07
C ALA E 151 -22.20 23.92 3.74
N PRO E 152 -22.17 23.31 2.54
CA PRO E 152 -23.06 22.17 2.31
C PRO E 152 -22.74 20.95 3.15
N CYS E 153 -21.45 20.63 3.33
CA CYS E 153 -21.07 19.47 4.13
C CYS E 153 -21.48 19.65 5.59
N ALA E 154 -21.35 20.88 6.12
CA ALA E 154 -21.85 21.18 7.44
C ALA E 154 -23.35 20.89 7.54
N SER E 155 -24.11 21.29 6.52
CA SER E 155 -25.54 21.02 6.51
C SER E 155 -25.82 19.52 6.53
N LEU E 156 -24.97 18.73 5.86
CA LEU E 156 -25.17 17.28 5.85
C LEU E 156 -24.85 16.67 7.21
N SER E 157 -23.76 17.14 7.85
CA SER E 157 -23.42 16.65 9.18
C SER E 157 -24.56 16.92 10.16
N HIS E 158 -25.13 18.11 10.11
CA HIS E 158 -26.27 18.43 10.97
C HIS E 158 -27.43 17.49 10.71
N ALA E 159 -27.73 17.24 9.43
CA ALA E 159 -28.81 16.34 9.09
C ALA E 159 -28.53 14.92 9.57
N ALA E 160 -27.28 14.47 9.42
CA ALA E 160 -26.94 13.11 9.83
C ALA E 160 -27.08 12.94 11.34
N HIS E 161 -26.69 13.95 12.11
CA HIS E 161 -26.73 13.85 13.56
C HIS E 161 -28.12 14.10 14.12
N ALA E 162 -29.00 14.76 13.38
CA ALA E 162 -30.34 15.09 13.87
C ALA E 162 -31.41 14.12 13.40
N TYR E 163 -31.21 13.41 12.30
CA TYR E 163 -32.21 12.49 11.77
C TYR E 163 -31.76 11.04 11.73
N LEU E 164 -30.46 10.78 11.56
CA LEU E 164 -29.95 9.42 11.47
C LEU E 164 -29.44 8.89 12.81
N PRO E 166 -30.20 9.63 16.02
CA PRO E 166 -31.28 9.22 16.93
C PRO E 166 -31.94 7.90 16.54
N ARG E 167 -32.05 7.59 15.25
CA ARG E 167 -32.71 6.35 14.85
C ARG E 167 -31.81 5.15 15.10
N LEU E 168 -30.49 5.34 15.07
CA LEU E 168 -29.57 4.26 15.39
C LEU E 168 -29.49 3.98 16.88
N ALA E 169 -29.83 4.96 17.72
CA ALA E 169 -29.77 4.77 19.17
C ALA E 169 -30.96 3.99 19.71
N ASP E 170 -32.05 3.89 18.94
CA ASP E 170 -33.25 3.15 19.36
C ASP E 170 -32.94 1.69 19.67
N ALA F 3 -28.48 31.17 -4.45
N ALA F 3 -28.83 31.16 -4.56
CA ALA F 3 -27.17 31.65 -4.84
CA ALA F 3 -27.47 31.61 -4.83
C ALA F 3 -26.50 32.41 -3.70
C ALA F 3 -26.93 32.43 -3.67
N ASP F 5 -27.96 33.01 -0.89
N ASP F 5 -28.36 32.76 -0.76
CA ASP F 5 -28.29 32.13 0.22
CA ASP F 5 -28.45 31.85 0.39
C ASP F 5 -27.14 31.16 0.50
C ASP F 5 -27.19 31.01 0.54
N LEU F 6 -26.58 30.61 -0.56
CA LEU F 6 -25.38 29.78 -0.45
C LEU F 6 -24.14 30.63 -0.18
N THR F 7 -24.01 31.78 -0.84
CA THR F 7 -22.78 32.55 -0.72
C THR F 7 -22.65 33.21 0.64
N ILE F 8 -23.77 33.57 1.28
CA ILE F 8 -23.72 34.13 2.63
C ILE F 8 -23.03 33.16 3.57
N LEU F 9 -23.41 31.88 3.49
CA LEU F 9 -22.78 30.86 4.33
C LEU F 9 -21.35 30.61 3.90
N HIS F 10 -21.01 30.86 2.64
CA HIS F 10 -19.64 30.66 2.19
C HIS F 10 -18.70 31.67 2.85
N ASP F 11 -19.04 32.96 2.76
CA ASP F 11 -18.26 33.98 3.47
C ASP F 11 -18.23 33.72 4.96
N CYS F 12 -19.29 33.12 5.51
CA CYS F 12 -19.34 32.85 6.94
C CYS F 12 -18.30 31.82 7.34
N PHE F 13 -18.33 30.65 6.70
CA PHE F 13 -17.37 29.60 7.03
C PHE F 13 -15.94 30.00 6.69
N ASP F 14 -15.76 30.82 5.65
CA ASP F 14 -14.44 31.37 5.39
C ASP F 14 -13.96 32.24 6.55
N ALA F 15 -14.83 33.13 7.02
CA ALA F 15 -14.47 33.97 8.15
C ALA F 15 -14.39 33.16 9.45
N LEU F 16 -15.13 32.05 9.53
CA LEU F 16 -15.02 31.16 10.69
C LEU F 16 -13.66 30.47 10.78
N GLN F 17 -12.96 30.34 9.66
CA GLN F 17 -11.63 29.73 9.71
C GLN F 17 -10.63 30.59 10.44
N ARG F 18 -10.83 31.91 10.42
CA ARG F 18 -9.86 32.87 10.96
C ARG F 18 -10.27 33.38 12.34
N ALA F 19 -11.21 32.72 13.01
CA ALA F 19 -11.70 33.17 14.31
C ALA F 19 -11.24 32.24 15.41
N PRO F 20 -10.37 32.68 16.32
CA PRO F 20 -9.94 31.82 17.43
C PRO F 20 -10.58 32.21 18.76
N THR F 21 -11.65 33.00 18.71
CA THR F 21 -12.32 33.44 19.92
C THR F 21 -13.78 33.75 19.60
N ALA F 22 -14.60 33.79 20.64
CA ALA F 22 -16.04 33.97 20.45
C ALA F 22 -16.36 35.36 19.93
N GLU F 23 -15.67 36.39 20.42
CA GLU F 23 -15.91 37.74 19.95
C GLU F 23 -15.63 37.87 18.46
N ALA F 24 -14.74 37.03 17.92
CA ALA F 24 -14.42 37.05 16.50
C ALA F 24 -15.26 36.08 15.69
N ALA F 25 -15.87 35.08 16.33
CA ALA F 25 -16.62 34.05 15.63
C ALA F 25 -18.11 34.32 15.57
N PHE F 26 -18.65 35.12 16.48
CA PHE F 26 -20.09 35.37 16.52
C PHE F 26 -20.54 36.33 15.43
N PRO F 27 -19.83 37.44 15.18
CA PRO F 27 -20.25 38.37 14.11
C PRO F 27 -20.47 37.67 12.78
N PRO F 28 -19.59 36.76 12.34
CA PRO F 28 -19.88 36.07 11.07
C PRO F 28 -21.17 35.29 11.08
N ILE F 29 -21.45 34.59 12.18
CA ILE F 29 -22.67 33.79 12.25
C ILE F 29 -23.91 34.68 12.28
N ALA F 30 -23.86 35.76 13.07
CA ALA F 30 -24.99 36.68 13.13
C ALA F 30 -25.23 37.36 11.80
N ALA F 31 -24.16 37.72 11.09
CA ALA F 31 -24.32 38.31 9.77
C ALA F 31 -24.95 37.33 8.79
N ALA F 32 -24.60 36.05 8.91
CA ALA F 32 -25.22 35.04 8.06
C ALA F 32 -26.69 34.87 8.40
N ALA F 33 -27.04 34.89 9.69
CA ALA F 33 -28.44 34.82 10.07
C ALA F 33 -29.20 36.05 9.60
N ALA F 34 -28.57 37.23 9.69
CA ALA F 34 -29.24 38.46 9.28
C ALA F 34 -29.58 38.44 7.80
N ALA F 35 -28.66 37.93 6.98
CA ALA F 35 -28.91 37.89 5.54
C ALA F 35 -29.90 36.81 5.16
N LEU F 36 -30.25 35.91 6.08
CA LEU F 36 -31.32 34.95 5.89
C LEU F 36 -32.65 35.45 6.43
N GLY F 37 -32.70 36.66 6.97
CA GLY F 37 -33.92 37.25 7.48
C GLY F 37 -34.01 37.34 8.99
N PHE F 38 -33.02 36.85 9.73
CA PHE F 38 -33.05 36.79 11.18
C PHE F 38 -32.26 37.96 11.76
N ARG F 39 -32.99 38.98 12.19
CA ARG F 39 -32.37 40.15 12.81
C ARG F 39 -31.63 39.80 14.10
N TYR F 40 -32.12 38.81 14.84
CA TYR F 40 -31.57 38.46 16.15
C TYR F 40 -30.89 37.09 16.10
N CYS F 41 -29.63 37.04 16.53
CA CYS F 41 -28.85 35.81 16.59
C CYS F 41 -28.31 35.66 18.00
N VAL F 42 -28.76 34.61 18.69
CA VAL F 42 -28.39 34.36 20.08
C VAL F 42 -27.80 32.96 20.18
N TYR F 43 -26.77 32.81 21.01
CA TYR F 43 -26.22 31.50 21.32
C TYR F 43 -25.95 31.41 22.81
N GLY F 44 -26.50 30.36 23.43
CA GLY F 44 -26.32 30.13 24.84
C GLY F 44 -25.63 28.80 25.09
N LEU F 45 -24.94 28.70 26.23
CA LEU F 45 -24.17 27.52 26.58
C LEU F 45 -24.50 27.14 28.02
N ARG F 46 -25.20 26.03 28.21
CA ARG F 46 -25.51 25.50 29.53
C ARG F 46 -24.45 24.48 29.93
N ARG F 47 -23.77 24.72 31.04
CA ARG F 47 -22.70 23.82 31.45
C ARG F 47 -23.23 22.65 32.28
N THR F 48 -22.50 21.55 32.22
CA THR F 48 -22.89 20.31 32.87
C THR F 48 -22.76 20.44 34.39
N ARG F 53 -27.43 24.51 39.47
CA ARG F 53 -27.54 25.84 38.87
C ARG F 53 -27.70 25.74 37.35
N PRO F 54 -28.86 26.17 36.85
CA PRO F 54 -29.12 26.15 35.40
C PRO F 54 -28.59 27.35 34.63
N ASP F 55 -27.76 28.19 35.24
CA ASP F 55 -27.31 29.40 34.57
C ASP F 55 -26.51 29.06 33.31
N GLN F 57 -24.11 30.73 29.94
CA GLN F 57 -23.42 31.82 29.27
C GLN F 57 -24.16 32.16 27.98
N ILE F 58 -24.56 33.43 27.84
CA ILE F 58 -25.38 33.87 26.73
C ILE F 58 -24.60 34.89 25.90
N VAL F 59 -24.62 34.71 24.59
CA VAL F 59 -24.02 35.64 23.63
C VAL F 59 -25.03 35.89 22.52
N GLY F 60 -25.20 37.14 22.13
CA GLY F 60 -26.10 37.45 21.04
C GLY F 60 -26.23 38.94 20.82
N ASN F 61 -26.79 39.28 19.65
CA ASN F 61 -27.16 40.65 19.35
C ASN F 61 -28.64 40.92 19.66
N HIS F 62 -29.16 40.24 20.68
CA HIS F 62 -30.54 40.43 21.08
C HIS F 62 -30.71 41.79 21.75
N PRO F 63 -31.95 42.26 21.88
CA PRO F 63 -32.18 43.57 22.51
C PRO F 63 -31.58 43.62 23.92
N ARG F 64 -30.83 44.70 24.18
CA ARG F 64 -30.21 44.88 25.49
C ARG F 64 -31.22 44.75 26.61
N GLU F 65 -32.41 45.33 26.44
CA GLU F 65 -33.41 45.31 27.50
C GLU F 65 -34.00 43.92 27.69
N TRP F 66 -33.97 43.07 26.65
CA TRP F 66 -34.50 41.73 26.80
C TRP F 66 -33.60 40.89 27.70
N GLU F 67 -32.28 40.99 27.53
CA GLU F 67 -31.38 40.21 28.36
C GLU F 67 -31.41 40.67 29.81
N HIS F 68 -31.42 41.99 30.03
CA HIS F 68 -31.52 42.50 31.39
C HIS F 68 -32.80 42.02 32.07
N ARG F 69 -33.89 41.95 31.32
CA ARG F 69 -35.14 41.39 31.84
C ARG F 69 -35.04 39.88 31.99
N TYR F 70 -34.28 39.22 31.11
CA TYR F 70 -34.15 37.77 31.16
C TYR F 70 -33.43 37.30 32.41
N VAL F 71 -32.46 38.06 32.90
CA VAL F 71 -31.70 37.65 34.08
C VAL F 71 -32.37 38.12 35.37
N LYS F 72 -33.04 39.28 35.35
CA LYS F 72 -33.66 39.81 36.56
C LYS F 72 -34.81 38.95 37.03
N PHE F 73 -35.52 38.31 36.11
CA PHE F 73 -36.67 37.47 36.42
C PHE F 73 -36.35 35.99 36.34
N GLY F 74 -35.08 35.64 36.09
CA GLY F 74 -34.63 34.26 36.07
C GLY F 74 -35.36 33.37 35.08
N TYR F 75 -35.38 33.76 33.81
CA TYR F 75 -36.07 32.97 32.80
C TYR F 75 -35.31 31.70 32.43
N VAL F 76 -34.05 31.57 32.83
CA VAL F 76 -33.27 30.38 32.47
C VAL F 76 -33.91 29.12 33.03
N THR F 77 -34.52 29.23 34.22
CA THR F 77 -35.06 28.05 34.88
C THR F 77 -36.33 27.53 34.21
N ILE F 78 -36.97 28.32 33.36
CA ILE F 78 -38.27 27.94 32.81
C ILE F 78 -38.34 28.19 31.32
N ASP F 79 -37.19 28.54 30.70
CA ASP F 79 -37.13 28.83 29.28
C ASP F 79 -37.69 27.66 28.48
N PRO F 80 -38.86 27.82 27.85
CA PRO F 80 -39.54 26.67 27.26
C PRO F 80 -38.83 26.12 26.04
N ILE F 81 -38.20 26.95 25.22
CA ILE F 81 -37.54 26.42 24.04
C ILE F 81 -36.26 25.69 24.41
N ILE F 82 -35.60 26.11 25.50
CA ILE F 82 -34.43 25.36 25.97
C ILE F 82 -34.84 23.96 26.42
N LYS F 83 -35.96 23.85 27.13
CA LYS F 83 -36.47 22.54 27.52
C LYS F 83 -36.76 21.68 26.30
N ARG F 84 -37.37 22.26 25.27
CA ARG F 84 -37.70 21.50 24.08
C ARG F 84 -36.47 21.21 23.23
N VAL F 85 -35.52 22.13 23.21
CA VAL F 85 -34.31 21.93 22.42
C VAL F 85 -33.43 20.84 23.04
N ALA F 86 -33.38 20.79 24.37
CA ALA F 86 -32.61 19.75 25.04
C ALA F 86 -33.25 18.38 24.93
N SER F 87 -34.57 18.31 24.71
CA SER F 87 -35.25 17.03 24.72
C SER F 87 -35.01 16.22 23.45
N GLN F 88 -34.77 16.90 22.33
CA GLN F 88 -34.76 16.31 21.00
C GLN F 88 -33.50 16.70 20.27
N PRO F 89 -33.19 16.01 19.16
CA PRO F 89 -32.11 16.46 18.27
C PRO F 89 -32.55 17.39 17.16
N ARG F 90 -33.86 17.57 16.96
CA ARG F 90 -34.39 18.33 15.84
C ARG F 90 -34.36 19.83 16.13
N PRO F 91 -34.37 20.65 15.08
CA PRO F 91 -34.54 22.10 15.29
C PRO F 91 -35.97 22.41 15.72
N VAL F 92 -36.12 23.51 16.43
CA VAL F 92 -37.40 23.94 16.99
C VAL F 92 -37.76 25.29 16.40
N VAL F 93 -38.86 25.32 15.65
CA VAL F 93 -39.42 26.57 15.12
C VAL F 93 -40.57 27.00 16.02
N TRP F 94 -40.53 28.23 16.50
CA TRP F 94 -41.47 28.68 17.51
C TRP F 94 -42.01 30.06 17.19
N ASN F 95 -43.22 30.32 17.67
CA ASN F 95 -43.93 31.58 17.48
C ASN F 95 -44.34 32.10 18.86
N ALA F 96 -43.84 33.29 19.23
CA ALA F 96 -44.09 33.81 20.57
C ALA F 96 -45.59 33.91 20.88
N PHE F 97 -46.42 34.11 19.86
CA PHE F 97 -47.86 34.25 20.05
C PHE F 97 -48.59 32.92 19.99
N ASP F 98 -47.88 31.81 19.94
CA ASP F 98 -48.51 30.51 19.69
C ASP F 98 -47.98 29.41 20.60
N GLU F 99 -46.73 29.54 21.04
CA GLU F 99 -46.09 28.44 21.75
C GLU F 99 -46.65 28.30 23.16
N PRO F 100 -46.83 27.08 23.65
CA PRO F 100 -47.09 26.89 25.08
C PRO F 100 -45.83 27.16 25.89
N GLY F 101 -46.03 27.41 27.16
CA GLY F 101 -44.96 27.75 28.08
C GLY F 101 -45.36 28.91 28.95
N ASP F 102 -44.38 29.49 29.64
CA ASP F 102 -44.65 30.62 30.53
C ASP F 102 -45.19 31.80 29.73
N THR F 103 -46.46 32.15 29.97
CA THR F 103 -47.09 33.24 29.20
C THR F 103 -46.38 34.56 29.42
N ALA F 104 -45.98 34.85 30.67
CA ALA F 104 -45.25 36.07 30.93
C ALA F 104 -43.92 36.10 30.19
N PHE F 105 -43.25 34.95 30.11
CA PHE F 105 -42.02 34.86 29.32
C PHE F 105 -42.28 35.19 27.85
N TRP F 106 -43.33 34.60 27.28
CA TRP F 106 -43.61 34.84 25.87
C TRP F 106 -44.08 36.26 25.63
N HIS F 107 -44.74 36.87 26.61
CA HIS F 107 -45.19 38.25 26.46
C HIS F 107 -44.00 39.19 26.32
N ASP F 108 -43.00 39.02 27.17
CA ASP F 108 -41.82 39.88 27.10
C ASP F 108 -41.01 39.61 25.84
N ALA F 109 -40.90 38.34 25.44
CA ALA F 109 -40.21 38.03 24.19
C ALA F 109 -40.87 38.72 23.01
N ALA F 110 -42.20 38.77 23.00
CA ALA F 110 -42.91 39.40 21.89
C ALA F 110 -42.77 40.92 21.93
N CYS F 111 -42.75 41.50 23.14
CA CYS F 111 -42.67 42.95 23.26
C CYS F 111 -41.34 43.51 22.77
N PHE F 112 -40.28 42.71 22.81
CA PHE F 112 -38.96 43.18 22.42
C PHE F 112 -38.55 42.71 21.03
N GLY F 113 -39.40 41.95 20.33
CA GLY F 113 -39.12 41.51 18.99
C GLY F 113 -38.73 40.05 18.86
N ARG F 115 -39.92 37.19 18.43
CA ARG F 115 -41.26 36.72 18.08
C ARG F 115 -41.27 35.43 17.28
N TYR F 116 -40.51 35.36 16.19
CA TYR F 116 -40.52 34.21 15.30
C TYR F 116 -39.10 33.66 15.22
N GLY F 117 -38.88 32.49 15.82
CA GLY F 117 -37.55 32.02 16.10
C GLY F 117 -37.26 30.62 15.56
N TRP F 118 -35.98 30.28 15.59
CA TRP F 118 -35.45 29.01 15.11
C TRP F 118 -34.32 28.62 16.04
N SER F 119 -34.50 27.52 16.77
CA SER F 119 -33.54 27.12 17.80
C SER F 119 -33.10 25.68 17.60
N HIS F 120 -31.80 25.45 17.68
CA HIS F 120 -31.25 24.09 17.64
C HIS F 120 -30.20 23.94 18.73
N GLY F 121 -30.12 22.74 19.29
CA GLY F 121 -29.20 22.48 20.38
C GLY F 121 -28.20 21.37 20.10
N GLY F 122 -26.92 21.67 20.31
CA GLY F 122 -25.88 20.68 20.13
C GLY F 122 -25.22 20.31 21.44
N TYR F 123 -24.58 19.15 21.47
CA TYR F 123 -23.84 18.70 22.64
C TYR F 123 -22.38 18.48 22.25
N ASP F 124 -21.48 18.81 23.16
CA ASP F 124 -20.06 18.61 22.94
C ASP F 124 -19.60 17.33 23.65
N ARG F 125 -18.29 17.11 23.65
CA ARG F 125 -17.76 15.89 24.28
C ARG F 125 -18.02 15.87 25.77
N ALA F 126 -17.91 17.03 26.43
CA ALA F 126 -18.07 17.09 27.88
C ALA F 126 -19.51 16.93 28.32
N GLY F 127 -20.48 17.05 27.40
CA GLY F 127 -21.88 16.96 27.75
C GLY F 127 -22.59 18.29 27.88
N ASN F 128 -21.89 19.40 27.67
CA ASN F 128 -22.53 20.72 27.74
C ASN F 128 -23.55 20.87 26.62
N LEU F 129 -24.50 21.76 26.83
CA LEU F 129 -25.55 22.05 25.85
C LEU F 129 -25.33 23.45 25.29
N GLY F 130 -25.20 23.54 23.97
CA GLY F 130 -25.15 24.81 23.28
C GLY F 130 -26.40 24.97 22.42
N VAL F 131 -27.01 26.14 22.50
CA VAL F 131 -28.26 26.43 21.81
C VAL F 131 -28.06 27.66 20.93
N LEU F 132 -28.41 27.53 19.66
CA LEU F 132 -28.33 28.62 18.69
C LEU F 132 -29.75 29.03 18.34
N THR F 133 -30.11 30.25 18.72
CA THR F 133 -31.46 30.78 18.48
C THR F 133 -31.38 31.87 17.42
N LEU F 134 -32.16 31.73 16.37
CA LEU F 134 -32.26 32.70 15.28
C LEU F 134 -33.68 33.24 15.25
N VAL F 135 -33.85 34.54 15.46
CA VAL F 135 -35.17 35.13 15.59
C VAL F 135 -35.31 36.33 14.66
N ARG F 136 -36.53 36.54 14.17
CA ARG F 136 -36.90 37.73 13.43
C ARG F 136 -38.18 38.31 14.02
N ASP F 137 -38.47 39.55 13.66
CA ASP F 137 -39.66 40.25 14.15
C ASP F 137 -40.69 40.51 13.06
N THR F 138 -40.50 39.98 11.85
CA THR F 138 -41.35 40.39 10.74
C THR F 138 -42.65 39.61 10.72
N THR F 139 -42.57 38.30 10.47
CA THR F 139 -43.75 37.49 10.21
C THR F 139 -43.44 36.04 10.59
N PRO F 140 -44.44 35.26 11.00
CA PRO F 140 -44.20 33.86 11.34
C PRO F 140 -43.61 33.07 10.18
N LEU F 141 -42.92 31.98 10.52
CA LEU F 141 -42.29 31.11 9.52
C LEU F 141 -43.32 30.09 9.05
N ASP F 142 -43.84 30.27 7.84
CA ASP F 142 -44.77 29.32 7.28
C ASP F 142 -44.03 28.07 6.81
N ALA F 143 -44.79 26.99 6.62
CA ALA F 143 -44.20 25.69 6.34
C ALA F 143 -43.38 25.71 5.06
N ASP F 144 -43.84 26.45 4.04
CA ASP F 144 -43.10 26.52 2.79
C ASP F 144 -41.79 27.30 2.96
N GLU F 145 -41.74 28.21 3.93
CA GLU F 145 -40.50 28.95 4.19
C GLU F 145 -39.53 28.14 5.04
N ILE F 146 -40.05 27.26 5.89
CA ILE F 146 -39.19 26.43 6.73
C ILE F 146 -38.40 25.43 5.88
N SER F 147 -39.07 24.84 4.89
CA SER F 147 -38.39 23.89 4.00
C SER F 147 -37.21 24.55 3.29
N ARG F 148 -37.42 25.77 2.78
CA ARG F 148 -36.34 26.49 2.11
C ARG F 148 -35.24 26.86 3.10
N LEU F 149 -35.57 26.99 4.38
CA LEU F 149 -34.66 27.50 5.38
C LEU F 149 -33.99 26.42 6.22
N ARG F 150 -34.31 25.14 5.99
CA ARG F 150 -33.75 24.09 6.82
C ARG F 150 -32.27 23.89 6.55
N ALA F 151 -31.90 23.69 5.29
CA ALA F 151 -30.50 23.44 4.94
C ALA F 151 -29.58 24.60 5.33
N PRO F 152 -29.90 25.87 5.06
CA PRO F 152 -29.00 26.93 5.52
C PRO F 152 -28.91 27.03 7.03
N CYS F 153 -30.04 26.90 7.74
CA CYS F 153 -29.99 26.98 9.20
C CYS F 153 -29.28 25.78 9.80
N ALA F 154 -29.42 24.60 9.18
CA ALA F 154 -28.62 23.46 9.59
C ALA F 154 -27.13 23.76 9.46
N SER F 155 -26.75 24.34 8.33
CA SER F 155 -25.36 24.72 8.11
C SER F 155 -24.91 25.72 9.17
N LEU F 156 -25.76 26.69 9.50
CA LEU F 156 -25.39 27.70 10.47
C LEU F 156 -25.40 27.15 11.89
N SER F 157 -26.34 26.25 12.19
CA SER F 157 -26.34 25.57 13.47
C SER F 157 -25.05 24.79 13.68
N HIS F 158 -24.61 24.07 12.65
CA HIS F 158 -23.33 23.35 12.72
C HIS F 158 -22.18 24.32 13.00
N ALA F 159 -22.13 25.42 12.26
CA ALA F 159 -21.07 26.41 12.44
C ALA F 159 -21.04 26.95 13.86
N ALA F 160 -22.20 27.09 14.50
CA ALA F 160 -22.24 27.66 15.83
C ALA F 160 -21.74 26.67 16.87
N HIS F 161 -22.23 25.43 16.81
CA HIS F 161 -21.80 24.43 17.79
C HIS F 161 -20.32 24.09 17.62
N ALA F 162 -19.78 24.21 16.41
CA ALA F 162 -18.41 23.79 16.13
C ALA F 162 -17.39 24.91 16.31
N TYR F 163 -17.79 26.17 16.13
CA TYR F 163 -16.85 27.28 16.21
C TYR F 163 -17.11 28.24 17.36
N LEU F 164 -18.35 28.35 17.82
CA LEU F 164 -18.69 29.31 18.87
C LEU F 164 -18.69 28.66 20.25
N PRO F 166 -17.16 25.83 21.48
CA PRO F 166 -15.91 25.34 22.08
C PRO F 166 -15.13 26.42 22.81
N ARG F 167 -15.22 27.67 22.36
CA ARG F 167 -14.45 28.76 22.96
C ARG F 167 -15.21 29.52 24.03
N LEU F 168 -16.53 29.29 24.15
CA LEU F 168 -17.23 29.70 25.36
C LEU F 168 -16.93 28.78 26.54
N ALA F 169 -16.41 27.58 26.26
CA ALA F 169 -16.13 26.57 27.27
C ALA F 169 -14.75 26.72 27.89
N ASP F 170 -13.71 26.96 27.09
CA ASP F 170 -12.36 27.03 27.60
C ASP F 170 -12.14 28.21 28.55
#